data_1NZC
#
_entry.id   1NZC
#
_cell.length_a   50.850
_cell.length_b   140.866
_cell.length_c   53.699
_cell.angle_alpha   90.00
_cell.angle_beta   92.72
_cell.angle_gamma   90.00
#
_symmetry.space_group_name_H-M   'P 1 21 1'
#
loop_
_entity.id
_entity.type
_entity.pdbx_description
1 polymer 'dTDP-6-deoxy-D-xylo-4-hexulose 3,5-epimerase'
2 non-polymer "THYMIDINE-5'-DIPHOSPHO-BETA-D-XYLOSE"
3 non-polymer 'NICKEL (II) ION'
4 water water
#
_entity_poly.entity_id   1
_entity_poly.type   'polypeptide(L)'
_entity_poly.pdbx_seq_one_letter_code
;MTENFFGKTLAARPVEAIPGMLEFDIPVHGDNRGWFKENFQKEKMLPLGFPESFFAEGKLQNNVSFSRKNVLRGLHAEPW
DKYISVADGGKVLGTWVDLREGETFGNTYQTVIDASKSIFVPRGVANGFQVLSDFVAYSYLVNDYWALELKPKYAFVNYA
DPSLDIKWENLEEAEVSEADENHPFLKDVKPLRKEDL
;
_entity_poly.pdbx_strand_id   A,B,C,D
#
loop_
_chem_comp.id
_chem_comp.type
_chem_comp.name
_chem_comp.formula
NI non-polymer 'NICKEL (II) ION' 'Ni 2'
TDX non-polymer THYMIDINE-5'-DIPHOSPHO-BETA-D-XYLOSE 'C15 H24 N2 O15 P2'
#
# COMPACT_ATOMS: atom_id res chain seq x y z
N THR A 2 -8.17 -42.91 27.94
CA THR A 2 -7.62 -41.56 27.65
C THR A 2 -8.74 -40.60 27.22
N GLU A 3 -8.42 -39.31 27.15
CA GLU A 3 -9.43 -38.27 26.93
C GLU A 3 -9.53 -37.80 25.47
N ASN A 4 -8.41 -37.82 24.76
CA ASN A 4 -8.38 -37.39 23.35
C ASN A 4 -9.44 -38.05 22.47
N PHE A 5 -10.09 -37.26 21.61
CA PHE A 5 -11.12 -37.76 20.70
C PHE A 5 -10.54 -38.67 19.61
N PHE A 6 -9.46 -38.21 18.98
CA PHE A 6 -8.82 -38.93 17.86
C PHE A 6 -7.62 -39.74 18.34
N GLY A 7 -7.49 -40.94 17.77
CA GLY A 7 -6.30 -41.74 17.89
C GLY A 7 -6.18 -42.59 19.13
N LYS A 8 -7.28 -42.82 19.85
CA LYS A 8 -7.17 -43.62 21.08
C LYS A 8 -6.85 -45.06 20.73
N THR A 9 -6.22 -45.76 21.65
CA THR A 9 -6.08 -47.21 21.58
C THR A 9 -7.41 -47.85 22.02
N LEU A 10 -7.95 -48.78 21.24
CA LEU A 10 -9.12 -49.53 21.70
C LEU A 10 -8.85 -50.19 23.05
N ALA A 11 -9.67 -49.83 24.03
CA ALA A 11 -9.50 -50.32 25.40
C ALA A 11 -10.83 -50.37 26.14
N ALA A 12 -10.86 -51.15 27.21
CA ALA A 12 -12.06 -51.31 28.04
C ALA A 12 -11.72 -51.15 29.53
N ARG A 13 -12.70 -50.64 30.27
CA ARG A 13 -12.60 -50.45 31.71
C ARG A 13 -13.96 -50.79 32.32
N PRO A 14 -14.01 -51.62 33.35
CA PRO A 14 -15.28 -51.84 34.06
C PRO A 14 -15.74 -50.60 34.83
N VAL A 15 -17.03 -50.58 35.14
CA VAL A 15 -17.61 -49.55 35.99
C VAL A 15 -17.80 -50.20 37.35
N GLU A 16 -17.14 -49.66 38.38
CA GLU A 16 -17.06 -50.32 39.69
C GLU A 16 -18.42 -50.55 40.32
N ALA A 17 -19.32 -49.58 40.20
CA ALA A 17 -20.57 -49.63 40.95
C ALA A 17 -21.63 -50.51 40.29
N ILE A 18 -21.44 -50.84 39.02
CA ILE A 18 -22.42 -51.60 38.25
C ILE A 18 -21.75 -52.79 37.55
N PRO A 19 -21.74 -53.95 38.21
CA PRO A 19 -21.10 -55.14 37.67
C PRO A 19 -21.52 -55.47 36.24
N GLY A 20 -20.55 -55.84 35.42
CA GLY A 20 -20.81 -56.20 34.05
C GLY A 20 -20.80 -55.05 33.09
N MET A 21 -20.90 -53.82 33.57
CA MET A 21 -20.86 -52.70 32.65
C MET A 21 -19.40 -52.48 32.21
N LEU A 22 -19.23 -52.12 30.95
CA LEU A 22 -17.91 -51.82 30.40
C LEU A 22 -17.93 -50.51 29.65
N GLU A 23 -16.89 -49.70 29.85
CA GLU A 23 -16.73 -48.45 29.15
C GLU A 23 -15.57 -48.65 28.20
N PHE A 24 -15.76 -48.30 26.93
CA PHE A 24 -14.70 -48.43 25.91
C PHE A 24 -14.21 -47.10 25.37
N ASP A 25 -12.90 -47.01 25.16
CA ASP A 25 -12.32 -45.97 24.33
C ASP A 25 -12.29 -46.50 22.90
N ILE A 26 -12.87 -45.74 21.99
CA ILE A 26 -12.90 -46.11 20.58
C ILE A 26 -11.94 -45.26 19.75
N PRO A 27 -11.11 -45.89 18.92
CA PRO A 27 -10.27 -45.14 17.98
C PRO A 27 -11.07 -44.49 16.87
N VAL A 28 -10.83 -43.21 16.72
CA VAL A 28 -11.46 -42.41 15.70
C VAL A 28 -10.32 -41.74 14.95
N HIS A 29 -10.36 -41.81 13.62
CA HIS A 29 -9.30 -41.28 12.77
C HIS A 29 -9.88 -40.18 11.91
N GLY A 30 -9.36 -38.96 12.05
CA GLY A 30 -9.87 -37.81 11.34
C GLY A 30 -8.96 -37.32 10.23
N ASP A 31 -9.56 -36.66 9.24
CA ASP A 31 -8.84 -35.86 8.26
C ASP A 31 -9.73 -34.72 7.77
N ASN A 32 -9.35 -34.06 6.67
CA ASN A 32 -10.09 -32.91 6.14
C ASN A 32 -11.55 -33.25 5.78
N ARG A 33 -11.80 -34.50 5.40
CA ARG A 33 -13.14 -34.94 4.99
C ARG A 33 -14.10 -35.27 6.14
N GLY A 34 -13.55 -35.50 7.33
CA GLY A 34 -14.35 -35.88 8.47
C GLY A 34 -13.61 -36.91 9.30
N TRP A 35 -14.26 -37.99 9.68
CA TRP A 35 -13.58 -39.07 10.43
C TRP A 35 -14.22 -40.43 10.21
N PHE A 36 -13.54 -41.46 10.69
CA PHE A 36 -13.93 -42.86 10.53
C PHE A 36 -13.65 -43.58 11.86
N LYS A 37 -14.56 -44.46 12.27
CA LYS A 37 -14.31 -45.40 13.37
C LYS A 37 -14.87 -46.78 13.07
N GLU A 38 -14.15 -47.79 13.52
CA GLU A 38 -14.77 -49.09 13.81
C GLU A 38 -15.53 -48.93 15.13
N ASN A 39 -16.82 -48.67 15.04
CA ASN A 39 -17.66 -48.48 16.23
C ASN A 39 -17.81 -49.76 17.06
N PHE A 40 -17.88 -50.89 16.37
CA PHE A 40 -17.90 -52.21 17.01
C PHE A 40 -17.15 -53.19 16.12
N GLN A 41 -16.26 -53.96 16.70
CA GLN A 41 -15.48 -54.94 15.94
C GLN A 41 -15.39 -56.18 16.82
N LYS A 42 -16.10 -57.24 16.45
CA LYS A 42 -16.34 -58.36 17.35
C LYS A 42 -15.03 -59.03 17.77
N GLU A 43 -14.20 -59.31 16.79
CA GLU A 43 -12.93 -60.02 17.01
C GLU A 43 -12.01 -59.26 17.96
N LYS A 44 -12.00 -57.93 17.86
CA LYS A 44 -11.15 -57.12 18.71
C LYS A 44 -11.79 -56.88 20.11
N MET A 45 -13.11 -56.93 20.22
CA MET A 45 -13.76 -56.52 21.50
C MET A 45 -13.94 -57.72 22.46
N LEU A 46 -14.01 -58.94 21.95
CA LEU A 46 -14.12 -60.09 22.85
C LEU A 46 -12.93 -60.25 23.82
N PRO A 47 -11.69 -60.15 23.34
CA PRO A 47 -10.54 -60.23 24.27
C PRO A 47 -10.50 -59.12 25.33
N LEU A 48 -11.18 -58.01 25.09
CA LEU A 48 -11.26 -56.92 26.05
C LEU A 48 -12.40 -57.08 27.08
N GLY A 49 -13.14 -58.18 26.98
CA GLY A 49 -14.16 -58.48 27.97
C GLY A 49 -15.59 -58.29 27.49
N PHE A 50 -15.80 -57.81 26.26
CA PHE A 50 -17.16 -57.81 25.69
C PHE A 50 -17.65 -59.27 25.73
N PRO A 51 -18.77 -59.54 26.41
CA PRO A 51 -19.17 -60.91 26.72
C PRO A 51 -19.66 -61.74 25.54
N GLU A 52 -19.18 -62.97 25.44
CA GLU A 52 -19.58 -63.86 24.35
C GLU A 52 -21.06 -64.20 24.44
N SER A 53 -21.60 -64.19 25.66
CA SER A 53 -23.04 -64.41 25.88
C SER A 53 -23.94 -63.43 25.10
N PHE A 54 -23.42 -62.25 24.76
CA PHE A 54 -24.14 -61.33 23.91
C PHE A 54 -24.64 -61.99 22.63
N PHE A 55 -23.84 -62.91 22.10
CA PHE A 55 -24.08 -63.53 20.81
C PHE A 55 -24.76 -64.90 20.87
N ALA A 56 -25.08 -65.37 22.08
CA ALA A 56 -25.44 -66.77 22.30
C ALA A 56 -26.71 -67.21 21.57
N GLU A 57 -27.65 -66.30 21.40
CA GLU A 57 -28.93 -66.62 20.79
C GLU A 57 -29.03 -66.24 19.32
N GLY A 58 -28.00 -65.61 18.80
CA GLY A 58 -27.95 -65.25 17.39
C GLY A 58 -28.89 -64.12 17.04
N LYS A 59 -29.27 -63.33 18.03
CA LYS A 59 -30.21 -62.22 17.81
C LYS A 59 -29.47 -60.88 17.72
N LEU A 60 -29.86 -60.04 16.77
CA LEU A 60 -29.17 -58.77 16.53
C LEU A 60 -30.11 -57.70 16.01
N GLN A 61 -30.05 -56.55 16.63
CA GLN A 61 -30.79 -55.39 16.19
C GLN A 61 -29.95 -54.14 16.41
N ASN A 62 -29.98 -53.20 15.46
CA ASN A 62 -29.31 -51.92 15.58
C ASN A 62 -30.39 -50.83 15.55
N ASN A 63 -30.54 -50.13 16.65
CA ASN A 63 -31.47 -48.99 16.75
C ASN A 63 -30.73 -47.67 16.69
N VAL A 64 -31.37 -46.64 16.14
CA VAL A 64 -30.78 -45.32 16.06
C VAL A 64 -31.83 -44.32 16.39
N SER A 65 -31.49 -43.40 17.27
CA SER A 65 -32.36 -42.25 17.51
C SER A 65 -31.63 -40.97 17.24
N PHE A 66 -32.39 -39.98 16.79
CA PHE A 66 -31.86 -38.66 16.55
C PHE A 66 -32.62 -37.70 17.47
N SER A 67 -31.88 -36.91 18.24
CA SER A 67 -32.44 -36.07 19.30
C SER A 67 -31.83 -34.68 19.35
N ARG A 68 -32.58 -33.67 19.77
CA ARG A 68 -32.03 -32.32 19.97
C ARG A 68 -31.61 -32.08 21.42
N LYS A 69 -30.84 -31.01 21.62
CA LYS A 69 -30.40 -30.55 22.94
C LYS A 69 -31.50 -30.61 23.99
N ASN A 70 -31.17 -31.13 25.16
CA ASN A 70 -32.06 -31.21 26.32
C ASN A 70 -33.07 -32.37 26.29
N VAL A 71 -33.20 -33.04 25.14
CA VAL A 71 -33.98 -34.27 25.09
C VAL A 71 -33.39 -35.23 26.11
N LEU A 72 -34.27 -35.86 26.90
CA LEU A 72 -33.85 -36.84 27.86
C LEU A 72 -34.67 -38.09 27.59
N ARG A 73 -33.98 -39.21 27.41
CA ARG A 73 -34.64 -40.48 27.20
C ARG A 73 -34.21 -41.42 28.28
N GLY A 74 -35.18 -42.02 28.92
CA GLY A 74 -34.75 -42.98 29.84
C GLY A 74 -35.52 -43.32 31.02
N LEU A 75 -34.58 -43.88 31.78
CA LEU A 75 -34.38 -45.12 32.48
C LEU A 75 -35.14 -46.38 32.08
N HIS A 76 -34.52 -47.09 31.12
CA HIS A 76 -35.11 -48.28 30.50
C HIS A 76 -34.23 -49.51 30.73
N ALA A 77 -34.83 -50.56 31.30
CA ALA A 77 -34.16 -51.79 31.67
C ALA A 77 -34.89 -53.04 31.11
N GLU A 78 -35.04 -53.08 29.78
CA GLU A 78 -35.68 -54.21 29.06
C GLU A 78 -34.76 -55.43 29.14
N PRO A 79 -35.31 -56.61 28.89
CA PRO A 79 -34.53 -57.85 29.08
C PRO A 79 -33.61 -58.19 27.89
N TRP A 80 -32.74 -57.25 27.60
CA TRP A 80 -31.67 -57.45 26.63
C TRP A 80 -30.47 -56.57 26.98
N ASP A 81 -29.33 -56.98 26.49
CA ASP A 81 -28.10 -56.19 26.63
C ASP A 81 -28.07 -55.09 25.57
N LYS A 82 -27.33 -54.01 25.84
CA LYS A 82 -27.19 -52.88 24.94
C LYS A 82 -25.72 -52.47 24.81
N TYR A 83 -25.28 -52.24 23.58
CA TYR A 83 -23.98 -51.63 23.31
C TYR A 83 -24.24 -50.27 22.71
N ILE A 84 -23.91 -49.22 23.46
CA ILE A 84 -24.32 -47.85 23.14
C ILE A 84 -23.18 -46.97 22.67
N SER A 85 -23.47 -46.12 21.68
CA SER A 85 -22.50 -45.17 21.18
C SER A 85 -23.16 -44.04 20.42
N VAL A 86 -22.35 -43.06 20.03
CA VAL A 86 -22.80 -41.89 19.31
C VAL A 86 -22.20 -41.96 17.92
N ALA A 87 -23.03 -41.75 16.90
CA ALA A 87 -22.61 -41.92 15.51
C ALA A 87 -22.25 -40.64 14.77
N ASP A 88 -22.48 -39.48 15.39
CA ASP A 88 -22.19 -38.21 14.76
C ASP A 88 -21.29 -37.37 15.66
N GLY A 89 -21.27 -36.05 15.46
CA GLY A 89 -20.41 -35.16 16.24
C GLY A 89 -20.99 -34.71 17.58
N GLY A 90 -22.12 -35.28 17.98
CA GLY A 90 -22.83 -34.86 19.19
C GLY A 90 -22.31 -35.49 20.48
N LYS A 91 -22.94 -35.10 21.59
CA LYS A 91 -22.65 -35.71 22.89
C LYS A 91 -23.84 -35.75 23.81
N VAL A 92 -23.84 -36.77 24.65
CA VAL A 92 -24.89 -36.97 25.64
C VAL A 92 -24.30 -37.23 27.01
N LEU A 93 -25.06 -36.89 28.04
CA LEU A 93 -24.79 -37.38 29.38
C LEU A 93 -25.47 -38.72 29.55
N GLY A 94 -24.68 -39.79 29.58
CA GLY A 94 -25.22 -41.13 29.77
C GLY A 94 -25.46 -41.35 31.24
N THR A 95 -26.49 -42.10 31.56
CA THR A 95 -26.92 -42.31 32.94
C THR A 95 -27.46 -43.72 33.13
N TRP A 96 -27.03 -44.39 34.20
CA TRP A 96 -27.40 -45.77 34.48
C TRP A 96 -27.80 -45.97 35.92
N VAL A 97 -28.84 -46.79 36.12
CA VAL A 97 -29.27 -47.21 37.45
C VAL A 97 -29.48 -48.71 37.45
N ASP A 98 -28.76 -49.41 38.32
CA ASP A 98 -28.83 -50.85 38.39
C ASP A 98 -30.17 -51.26 39.04
N LEU A 99 -30.95 -52.05 38.31
CA LEU A 99 -32.24 -52.52 38.84
C LEU A 99 -32.25 -54.04 39.15
N ARG A 100 -31.07 -54.65 39.24
CA ARG A 100 -30.98 -56.07 39.54
C ARG A 100 -31.02 -56.30 41.05
N GLU A 101 -31.78 -57.34 41.43
CA GLU A 101 -31.86 -57.80 42.80
C GLU A 101 -30.45 -58.12 43.31
N GLY A 102 -30.11 -57.52 44.45
CA GLY A 102 -28.83 -57.74 45.10
C GLY A 102 -28.24 -56.48 45.71
N GLU A 103 -26.98 -56.60 46.10
CA GLU A 103 -26.24 -55.55 46.80
C GLU A 103 -26.04 -54.28 45.97
N THR A 104 -26.12 -54.39 44.64
CA THR A 104 -26.01 -53.23 43.76
C THR A 104 -27.34 -52.60 43.29
N PHE A 105 -28.47 -53.06 43.82
CA PHE A 105 -29.76 -52.48 43.41
C PHE A 105 -29.76 -50.99 43.76
N GLY A 106 -30.00 -50.14 42.77
CA GLY A 106 -30.02 -48.70 42.95
C GLY A 106 -28.69 -47.98 42.75
N ASN A 107 -27.61 -48.73 42.53
CA ASN A 107 -26.31 -48.13 42.23
C ASN A 107 -26.42 -47.36 40.93
N THR A 108 -25.61 -46.31 40.81
CA THR A 108 -25.64 -45.46 39.63
C THR A 108 -24.25 -45.15 39.07
N TYR A 109 -24.25 -44.73 37.81
CA TYR A 109 -23.07 -44.24 37.11
C TYR A 109 -23.55 -43.20 36.10
N GLN A 110 -22.73 -42.18 35.85
CA GLN A 110 -22.94 -41.27 34.72
C GLN A 110 -21.61 -40.90 34.10
N THR A 111 -21.65 -40.68 32.79
CA THR A 111 -20.49 -40.21 32.04
C THR A 111 -20.90 -39.63 30.69
N VAL A 112 -20.09 -38.72 30.17
CA VAL A 112 -20.35 -38.11 28.89
C VAL A 112 -19.90 -39.06 27.79
N ILE A 113 -20.77 -39.26 26.80
CA ILE A 113 -20.51 -40.11 25.66
C ILE A 113 -20.48 -39.27 24.41
N ASP A 114 -19.42 -39.45 23.63
CA ASP A 114 -19.39 -38.97 22.28
C ASP A 114 -18.92 -40.11 21.37
N ALA A 115 -18.60 -39.82 20.12
CA ALA A 115 -18.27 -40.85 19.16
C ALA A 115 -17.03 -41.66 19.55
N SER A 116 -16.19 -41.11 20.44
CA SER A 116 -14.95 -41.78 20.89
C SER A 116 -15.12 -42.67 22.12
N LYS A 117 -16.35 -42.82 22.60
CA LYS A 117 -16.64 -43.67 23.78
C LYS A 117 -17.88 -44.52 23.52
N SER A 118 -17.87 -45.75 24.00
CA SER A 118 -19.06 -46.61 23.97
C SER A 118 -19.22 -47.32 25.31
N ILE A 119 -20.42 -47.86 25.54
CA ILE A 119 -20.75 -48.45 26.81
C ILE A 119 -21.50 -49.75 26.56
N PHE A 120 -21.08 -50.83 27.22
CA PHE A 120 -21.86 -52.06 27.28
C PHE A 120 -22.71 -52.05 28.54
N VAL A 121 -24.03 -52.19 28.36
CA VAL A 121 -25.00 -52.17 29.46
C VAL A 121 -25.67 -53.53 29.59
N PRO A 122 -25.38 -54.28 30.66
CA PRO A 122 -25.99 -55.59 30.84
C PRO A 122 -27.48 -55.48 31.10
N ARG A 123 -28.22 -56.47 30.60
CA ARG A 123 -29.62 -56.60 30.89
C ARG A 123 -29.81 -56.48 32.40
N GLY A 124 -30.79 -55.66 32.78
CA GLY A 124 -31.14 -55.42 34.17
C GLY A 124 -30.67 -54.07 34.68
N VAL A 125 -29.82 -53.40 33.93
CA VAL A 125 -29.35 -52.07 34.27
C VAL A 125 -30.08 -51.06 33.40
N ALA A 126 -30.77 -50.11 34.04
CA ALA A 126 -31.55 -49.09 33.34
C ALA A 126 -30.66 -48.07 32.61
N ASN A 127 -31.01 -47.81 31.36
CA ASN A 127 -30.24 -46.95 30.45
C ASN A 127 -30.97 -45.65 30.15
N GLY A 128 -30.22 -44.55 30.14
CA GLY A 128 -30.78 -43.26 29.75
C GLY A 128 -29.73 -42.29 29.29
N PHE A 129 -30.19 -41.16 28.74
CA PHE A 129 -29.26 -40.08 28.36
C PHE A 129 -29.99 -38.76 28.24
N GLN A 130 -29.21 -37.68 28.36
CA GLN A 130 -29.67 -36.33 28.05
C GLN A 130 -28.71 -35.70 27.06
N VAL A 131 -29.27 -35.04 26.05
CA VAL A 131 -28.51 -34.49 24.94
C VAL A 131 -27.85 -33.16 25.38
N LEU A 132 -26.52 -33.11 25.25
CA LEU A 132 -25.72 -31.91 25.57
C LEU A 132 -25.42 -31.04 24.36
N SER A 133 -25.20 -31.66 23.21
CA SER A 133 -24.96 -30.96 21.95
C SER A 133 -26.27 -30.47 21.33
N ASP A 134 -26.19 -29.70 20.25
CA ASP A 134 -27.40 -29.22 19.56
C ASP A 134 -28.27 -30.37 19.06
N PHE A 135 -27.63 -31.41 18.55
CA PHE A 135 -28.30 -32.68 18.30
C PHE A 135 -27.31 -33.82 18.37
N VAL A 136 -27.87 -35.04 18.34
CA VAL A 136 -27.05 -36.22 18.43
C VAL A 136 -27.71 -37.42 17.76
N ALA A 137 -26.87 -38.28 17.19
CA ALA A 137 -27.27 -39.53 16.64
C ALA A 137 -26.78 -40.61 17.59
N TYR A 138 -27.70 -41.34 18.17
CA TYR A 138 -27.43 -42.31 19.23
C TYR A 138 -27.73 -43.65 18.60
N SER A 139 -26.68 -44.47 18.46
CA SER A 139 -26.78 -45.73 17.75
C SER A 139 -26.33 -46.84 18.66
N TYR A 140 -27.15 -47.86 18.79
CA TYR A 140 -26.83 -48.96 19.69
C TYR A 140 -27.25 -50.32 19.15
N LEU A 141 -26.58 -51.35 19.65
CA LEU A 141 -26.86 -52.74 19.32
C LEU A 141 -27.51 -53.46 20.49
N VAL A 142 -28.48 -54.31 20.21
CA VAL A 142 -29.17 -55.14 21.20
C VAL A 142 -29.27 -56.59 20.73
N ASN A 143 -29.55 -57.50 21.66
CA ASN A 143 -29.57 -58.94 21.37
C ASN A 143 -30.90 -59.64 21.71
N ASP A 144 -31.99 -58.88 21.77
CA ASP A 144 -33.34 -59.46 21.73
C ASP A 144 -34.27 -58.39 21.16
N TYR A 145 -35.50 -58.80 20.83
CA TYR A 145 -36.38 -57.99 19.99
C TYR A 145 -37.59 -57.43 20.75
N TRP A 146 -37.61 -56.12 20.83
CA TRP A 146 -38.71 -55.34 21.38
C TRP A 146 -40.02 -55.57 20.63
N ALA A 147 -41.11 -55.64 21.41
CA ALA A 147 -42.47 -55.58 20.89
C ALA A 147 -43.30 -54.64 21.77
N LEU A 148 -44.02 -53.74 21.12
CA LEU A 148 -44.91 -52.77 21.78
C LEU A 148 -45.79 -53.44 22.82
N GLU A 149 -46.32 -54.59 22.46
CA GLU A 149 -47.27 -55.34 23.28
C GLU A 149 -46.65 -55.91 24.56
N LEU A 150 -45.33 -56.03 24.54
CA LEU A 150 -44.57 -56.62 25.63
C LEU A 150 -44.06 -55.58 26.65
N LYS A 151 -44.25 -54.30 26.36
CA LYS A 151 -43.72 -53.26 27.23
C LYS A 151 -44.12 -53.36 28.72
N PRO A 152 -45.32 -53.84 29.04
CA PRO A 152 -45.71 -54.10 30.44
C PRO A 152 -44.85 -55.09 31.19
N LYS A 153 -44.23 -55.98 30.44
CA LYS A 153 -43.33 -57.01 30.91
C LYS A 153 -41.92 -56.46 31.18
N TYR A 154 -41.59 -55.30 30.63
CA TYR A 154 -40.27 -54.71 30.75
C TYR A 154 -40.13 -53.84 32.00
N ALA A 155 -38.88 -53.61 32.43
CA ALA A 155 -38.61 -52.80 33.61
C ALA A 155 -38.17 -51.39 33.27
N PHE A 156 -38.68 -50.43 34.03
CA PHE A 156 -38.43 -49.01 33.82
C PHE A 156 -38.37 -48.30 35.17
N VAL A 157 -37.63 -47.19 35.22
CA VAL A 157 -37.62 -46.33 36.42
C VAL A 157 -37.64 -44.87 35.98
N ASN A 158 -38.33 -44.03 36.75
CA ASN A 158 -38.56 -42.63 36.37
C ASN A 158 -37.26 -41.81 36.47
N TYR A 159 -36.94 -41.16 35.36
CA TYR A 159 -35.78 -40.26 35.30
C TYR A 159 -35.80 -39.19 36.37
N ALA A 160 -36.99 -38.74 36.76
CA ALA A 160 -37.17 -37.63 37.72
C ALA A 160 -37.26 -38.02 39.20
N ASP A 161 -37.12 -39.30 39.52
CA ASP A 161 -37.19 -39.73 40.90
C ASP A 161 -35.99 -39.13 41.65
N PRO A 162 -36.22 -38.22 42.59
CA PRO A 162 -35.12 -37.47 43.20
C PRO A 162 -34.31 -38.28 44.23
N SER A 163 -34.77 -39.49 44.56
CA SER A 163 -34.03 -40.38 45.45
C SER A 163 -32.91 -41.14 44.72
N LEU A 164 -32.92 -41.09 43.38
CA LEU A 164 -31.81 -41.62 42.58
C LEU A 164 -30.58 -40.72 42.72
N ASP A 165 -29.42 -41.35 42.93
CA ASP A 165 -28.18 -40.59 43.05
C ASP A 165 -27.61 -40.31 41.64
N ILE A 166 -28.32 -39.44 40.91
CA ILE A 166 -27.93 -38.96 39.60
C ILE A 166 -28.26 -37.47 39.53
N LYS A 167 -27.62 -36.79 38.60
CA LYS A 167 -27.89 -35.38 38.33
C LYS A 167 -27.97 -35.22 36.83
N TRP A 168 -29.14 -34.85 36.34
CA TRP A 168 -29.28 -34.51 34.92
C TRP A 168 -28.77 -33.09 34.66
N GLU A 169 -28.44 -32.79 33.41
CA GLU A 169 -27.93 -31.47 33.04
C GLU A 169 -29.03 -30.41 33.14
N ASN A 170 -30.23 -30.74 32.70
CA ASN A 170 -31.39 -29.86 32.84
C ASN A 170 -32.66 -30.69 33.07
N LEU A 171 -33.00 -30.90 34.33
CA LEU A 171 -34.12 -31.76 34.71
C LEU A 171 -35.45 -31.08 34.36
N GLU A 172 -35.49 -29.78 34.55
CA GLU A 172 -36.73 -29.03 34.62
C GLU A 172 -37.25 -28.75 33.20
N GLU A 173 -36.32 -28.54 32.27
CA GLU A 173 -36.61 -28.34 30.85
C GLU A 173 -36.25 -29.55 29.99
N ALA A 174 -36.19 -30.73 30.60
CA ALA A 174 -35.93 -31.94 29.85
C ALA A 174 -37.08 -32.12 28.87
N GLU A 175 -36.75 -32.48 27.63
CA GLU A 175 -37.75 -32.78 26.61
C GLU A 175 -37.94 -34.31 26.55
N VAL A 176 -39.11 -34.79 26.98
CA VAL A 176 -39.34 -36.22 27.23
C VAL A 176 -40.64 -36.76 26.63
N SER A 177 -40.72 -38.09 26.50
CA SER A 177 -41.94 -38.77 26.10
C SER A 177 -42.92 -38.88 27.24
N GLU A 178 -44.19 -39.07 26.90
CA GLU A 178 -45.23 -39.33 27.88
C GLU A 178 -44.90 -40.59 28.69
N ALA A 179 -44.35 -41.60 28.02
CA ALA A 179 -43.95 -42.83 28.69
C ALA A 179 -42.93 -42.56 29.77
N ASP A 180 -41.87 -41.81 29.45
CA ASP A 180 -40.80 -41.55 30.44
C ASP A 180 -41.28 -40.67 31.60
N GLU A 181 -42.29 -39.84 31.34
CA GLU A 181 -42.91 -39.08 32.42
C GLU A 181 -43.62 -39.99 33.44
N ASN A 182 -44.10 -41.15 33.02
CA ASN A 182 -45.01 -41.95 33.87
C ASN A 182 -44.47 -43.30 34.33
N HIS A 183 -43.19 -43.56 34.07
CA HIS A 183 -42.57 -44.75 34.61
C HIS A 183 -42.55 -44.65 36.14
N PRO A 184 -42.57 -45.79 36.83
CA PRO A 184 -42.55 -45.81 38.28
C PRO A 184 -41.24 -45.32 38.90
N PHE A 185 -41.36 -44.76 40.11
CA PHE A 185 -40.22 -44.43 40.96
C PHE A 185 -39.58 -45.73 41.45
N LEU A 186 -38.33 -45.63 41.87
CA LEU A 186 -37.54 -46.81 42.27
C LEU A 186 -38.21 -47.66 43.33
N LYS A 187 -38.87 -47.03 44.30
CA LYS A 187 -39.52 -47.78 45.37
C LYS A 187 -40.64 -48.70 44.86
N ASP A 188 -41.16 -48.43 43.66
CA ASP A 188 -42.22 -49.24 43.06
C ASP A 188 -41.71 -50.21 41.99
N VAL A 189 -40.40 -50.28 41.84
CA VAL A 189 -39.78 -51.18 40.86
C VAL A 189 -39.42 -52.47 41.57
N LYS A 190 -39.95 -53.58 41.07
CA LYS A 190 -39.60 -54.87 41.62
C LYS A 190 -38.20 -55.21 41.12
N PRO A 191 -37.24 -55.40 42.04
CA PRO A 191 -35.87 -55.72 41.63
C PRO A 191 -35.84 -56.98 40.75
N LEU A 192 -35.04 -56.92 39.68
CA LEU A 192 -34.99 -57.97 38.67
C LEU A 192 -34.12 -59.15 39.12
N ARG A 193 -34.77 -60.30 39.20
CA ARG A 193 -34.12 -61.51 39.65
C ARG A 193 -33.40 -62.20 38.51
N LYS A 194 -32.48 -63.09 38.86
CA LYS A 194 -31.73 -63.81 37.83
C LYS A 194 -32.69 -64.44 36.81
N GLU A 195 -33.80 -65.00 37.28
CA GLU A 195 -34.78 -65.67 36.41
C GLU A 195 -35.65 -64.73 35.56
N ASP A 196 -35.61 -63.44 35.85
CA ASP A 196 -36.29 -62.43 35.03
C ASP A 196 -35.39 -61.92 33.91
N LEU A 197 -34.18 -62.48 33.83
CA LEU A 197 -33.17 -62.01 32.88
C LEU A 197 -32.38 -63.14 32.20
N THR B 2 -47.91 -36.88 -1.18
CA THR B 2 -47.34 -37.83 -0.14
C THR B 2 -45.81 -37.74 -0.03
N GLU B 3 -45.33 -37.65 1.22
CA GLU B 3 -43.89 -37.57 1.52
C GLU B 3 -43.42 -38.91 2.07
N ASN B 4 -42.12 -39.14 1.97
CA ASN B 4 -41.57 -40.50 2.00
C ASN B 4 -40.43 -40.68 3.04
N PHE B 5 -40.44 -39.90 4.12
CA PHE B 5 -39.44 -40.05 5.18
C PHE B 5 -40.02 -40.81 6.39
N PHE B 6 -41.09 -40.26 7.00
CA PHE B 6 -41.68 -40.86 8.20
C PHE B 6 -42.69 -41.94 7.89
N GLY B 7 -42.75 -42.94 8.78
CA GLY B 7 -43.85 -43.88 8.82
C GLY B 7 -44.00 -44.84 7.66
N LYS B 8 -42.92 -45.10 6.94
CA LYS B 8 -42.92 -46.10 5.90
C LYS B 8 -43.04 -47.47 6.51
N THR B 9 -43.58 -48.39 5.74
CA THR B 9 -43.58 -49.80 6.10
C THR B 9 -42.25 -50.43 5.73
N LEU B 10 -41.70 -51.23 6.63
CA LEU B 10 -40.47 -51.95 6.35
C LEU B 10 -40.67 -52.84 5.12
N ALA B 11 -39.87 -52.58 4.11
CA ALA B 11 -40.02 -53.23 2.82
C ALA B 11 -38.66 -53.31 2.12
N ALA B 12 -38.48 -54.28 1.24
CA ALA B 12 -37.28 -54.42 0.43
C ALA B 12 -37.63 -54.52 -1.06
N ARG B 13 -36.73 -54.02 -1.89
CA ARG B 13 -36.86 -54.10 -3.34
C ARG B 13 -35.54 -54.52 -3.94
N PRO B 14 -35.55 -55.23 -5.06
CA PRO B 14 -34.30 -55.50 -5.79
C PRO B 14 -33.81 -54.28 -6.54
N VAL B 15 -32.55 -54.31 -6.92
CA VAL B 15 -32.03 -53.41 -7.94
C VAL B 15 -31.77 -54.26 -9.16
N GLU B 16 -32.63 -54.10 -10.18
CA GLU B 16 -32.63 -54.93 -11.38
C GLU B 16 -31.23 -55.04 -11.99
N ALA B 17 -30.56 -53.90 -12.08
CA ALA B 17 -29.27 -53.81 -12.78
C ALA B 17 -28.12 -54.49 -12.06
N ILE B 18 -28.26 -54.66 -10.75
CA ILE B 18 -27.21 -55.24 -9.90
C ILE B 18 -27.75 -56.35 -9.00
N PRO B 19 -27.70 -57.59 -9.47
CA PRO B 19 -28.19 -58.74 -8.71
C PRO B 19 -27.58 -58.86 -7.32
N GLY B 20 -28.41 -59.21 -6.34
CA GLY B 20 -27.96 -59.38 -4.97
C GLY B 20 -28.10 -58.14 -4.10
N MET B 21 -28.17 -56.97 -4.73
CA MET B 21 -28.45 -55.75 -4.00
C MET B 21 -29.92 -55.68 -3.57
N LEU B 22 -30.16 -55.05 -2.42
CA LEU B 22 -31.51 -54.79 -1.93
C LEU B 22 -31.57 -53.37 -1.39
N GLU B 23 -32.68 -52.68 -1.67
CA GLU B 23 -32.97 -51.36 -1.14
C GLU B 23 -34.13 -51.53 -0.17
N PHE B 24 -33.97 -51.02 1.06
CA PHE B 24 -35.00 -51.07 2.10
C PHE B 24 -35.57 -49.71 2.42
N ASP B 25 -36.88 -49.67 2.67
CA ASP B 25 -37.54 -48.56 3.32
C ASP B 25 -37.58 -48.88 4.79
N ILE B 26 -37.08 -47.96 5.60
CA ILE B 26 -37.02 -48.14 7.05
C ILE B 26 -38.07 -47.25 7.73
N PRO B 27 -38.88 -47.82 8.63
CA PRO B 27 -39.78 -47.02 9.47
C PRO B 27 -39.03 -46.11 10.41
N VAL B 28 -39.29 -44.82 10.26
CA VAL B 28 -38.74 -43.80 11.14
C VAL B 28 -39.92 -43.14 11.84
N HIS B 29 -39.91 -43.21 13.17
CA HIS B 29 -40.99 -42.74 14.02
C HIS B 29 -40.60 -41.41 14.62
N GLY B 30 -41.30 -40.35 14.22
CA GLY B 30 -41.02 -39.04 14.77
C GLY B 30 -41.90 -38.64 15.94
N ASP B 31 -41.31 -37.87 16.84
CA ASP B 31 -42.05 -37.26 17.92
C ASP B 31 -41.35 -35.95 18.37
N ASN B 32 -41.74 -35.45 19.53
CA ASN B 32 -41.23 -34.17 20.06
C ASN B 32 -39.72 -34.13 20.30
N ARG B 33 -39.12 -35.32 20.46
CA ARG B 33 -37.70 -35.45 20.78
C ARG B 33 -36.79 -35.52 19.56
N GLY B 34 -37.36 -35.79 18.39
CA GLY B 34 -36.62 -36.07 17.17
C GLY B 34 -37.21 -37.33 16.53
N TRP B 35 -36.42 -38.38 16.38
CA TRP B 35 -36.97 -39.63 15.82
C TRP B 35 -36.20 -40.87 16.25
N PHE B 36 -36.78 -42.02 15.92
CA PHE B 36 -36.27 -43.33 16.30
C PHE B 36 -36.53 -44.30 15.16
N LYS B 37 -35.54 -45.14 14.86
CA LYS B 37 -35.69 -46.25 13.93
C LYS B 37 -35.00 -47.52 14.40
N GLU B 38 -35.60 -48.64 14.06
CA GLU B 38 -34.90 -49.92 13.99
C GLU B 38 -34.09 -49.94 12.66
N ASN B 39 -32.83 -49.51 12.72
CA ASN B 39 -31.98 -49.44 11.54
C ASN B 39 -31.71 -50.82 10.94
N PHE B 40 -31.46 -51.78 11.80
CA PHE B 40 -31.38 -53.17 11.40
C PHE B 40 -32.07 -54.08 12.44
N GLN B 41 -32.88 -55.02 11.97
CA GLN B 41 -33.62 -55.91 12.85
C GLN B 41 -33.64 -57.27 12.16
N LYS B 42 -32.79 -58.18 12.63
CA LYS B 42 -32.52 -59.42 11.91
C LYS B 42 -33.79 -60.23 11.67
N GLU B 43 -34.62 -60.35 12.70
CA GLU B 43 -35.80 -61.20 12.61
C GLU B 43 -36.81 -60.68 11.59
N LYS B 44 -36.90 -59.35 11.51
CA LYS B 44 -37.84 -58.69 10.59
C LYS B 44 -37.25 -58.59 9.18
N MET B 45 -35.92 -58.65 9.06
CA MET B 45 -35.26 -58.39 7.76
C MET B 45 -34.97 -59.71 7.01
N LEU B 46 -34.71 -60.82 7.70
CA LEU B 46 -34.54 -62.08 6.96
C LEU B 46 -35.75 -62.44 6.06
N PRO B 47 -37.00 -62.31 6.53
CA PRO B 47 -38.15 -62.59 5.66
C PRO B 47 -38.21 -61.74 4.39
N LEU B 48 -37.58 -60.58 4.39
CA LEU B 48 -37.59 -59.66 3.27
C LEU B 48 -36.40 -59.85 2.34
N GLY B 49 -35.61 -60.89 2.58
CA GLY B 49 -34.55 -61.30 1.67
C GLY B 49 -33.13 -60.92 2.11
N PHE B 50 -32.98 -60.31 3.28
CA PHE B 50 -31.63 -60.04 3.79
C PHE B 50 -30.92 -61.40 3.89
N PRO B 51 -29.76 -61.57 3.23
CA PRO B 51 -29.17 -62.92 3.11
C PRO B 51 -28.61 -63.47 4.41
N GLU B 52 -28.99 -64.71 4.71
CA GLU B 52 -28.45 -65.42 5.86
C GLU B 52 -26.92 -65.62 5.77
N SER B 53 -26.36 -65.62 4.55
CA SER B 53 -24.92 -65.72 4.35
C SER B 53 -24.17 -64.55 4.98
N PHE B 54 -24.85 -63.41 5.18
CA PHE B 54 -24.24 -62.29 5.93
C PHE B 54 -23.71 -62.76 7.31
N PHE B 55 -24.44 -63.69 7.93
CA PHE B 55 -24.18 -64.14 9.29
C PHE B 55 -23.43 -65.46 9.37
N ALA B 56 -23.17 -66.10 8.23
CA ALA B 56 -22.64 -67.47 8.22
C ALA B 56 -21.35 -67.69 9.01
N GLU B 57 -20.44 -66.72 8.98
CA GLU B 57 -19.15 -66.86 9.63
C GLU B 57 -19.13 -66.30 11.03
N GLY B 58 -20.23 -65.73 11.47
CA GLY B 58 -20.36 -65.20 12.82
C GLY B 58 -19.52 -63.93 13.05
N LYS B 59 -19.19 -63.23 11.98
CA LYS B 59 -18.38 -62.03 12.06
C LYS B 59 -19.26 -60.80 11.99
N LEU B 60 -18.79 -59.73 12.62
CA LEU B 60 -19.56 -58.51 12.61
C LEU B 60 -18.74 -57.33 12.98
N GLN B 61 -18.86 -56.29 12.18
CA GLN B 61 -18.21 -55.03 12.40
C GLN B 61 -19.20 -53.93 12.01
N ASN B 62 -19.29 -52.88 12.82
CA ASN B 62 -20.06 -51.68 12.51
C ASN B 62 -19.11 -50.50 12.35
N ASN B 63 -19.06 -49.92 11.15
CA ASN B 63 -18.25 -48.73 10.89
C ASN B 63 -19.11 -47.50 10.81
N VAL B 64 -18.53 -46.37 11.13
CA VAL B 64 -19.19 -45.08 10.97
C VAL B 64 -18.20 -44.10 10.38
N SER B 65 -18.64 -43.39 9.34
CA SER B 65 -17.93 -42.22 8.93
C SER B 65 -18.79 -41.02 8.96
N PHE B 66 -18.20 -39.93 9.43
CA PHE B 66 -18.83 -38.65 9.52
C PHE B 66 -18.13 -37.82 8.44
N SER B 67 -18.92 -37.19 7.57
CA SER B 67 -18.39 -36.49 6.42
C SER B 67 -19.05 -35.17 6.24
N ARG B 68 -18.28 -34.24 5.71
CA ARG B 68 -18.72 -32.89 5.50
C ARG B 68 -19.23 -32.74 4.09
N LYS B 69 -19.88 -31.60 3.80
CA LYS B 69 -20.49 -31.42 2.49
C LYS B 69 -19.45 -31.52 1.38
N ASN B 70 -19.91 -32.05 0.24
CA ASN B 70 -19.17 -32.23 -0.99
C ASN B 70 -18.12 -33.32 -0.92
N VAL B 71 -17.97 -33.96 0.23
CA VAL B 71 -17.08 -35.08 0.34
C VAL B 71 -17.63 -36.20 -0.53
N LEU B 72 -16.75 -36.78 -1.33
CA LEU B 72 -17.08 -37.93 -2.15
C LEU B 72 -16.09 -39.01 -1.82
N ARG B 73 -16.61 -40.17 -1.42
CA ARG B 73 -15.78 -41.32 -1.09
C ARG B 73 -16.13 -42.45 -2.00
N GLY B 74 -15.11 -43.03 -2.57
CA GLY B 74 -15.28 -44.34 -3.12
C GLY B 74 -14.92 -44.59 -4.53
N LEU B 75 -15.93 -45.28 -5.04
CA LEU B 75 -15.99 -46.56 -5.72
C LEU B 75 -14.99 -47.67 -5.31
N HIS B 76 -15.31 -48.29 -4.18
CA HIS B 76 -14.53 -49.39 -3.58
C HIS B 76 -15.39 -50.65 -3.47
N ALA B 77 -14.88 -51.74 -4.04
CA ALA B 77 -15.46 -53.07 -3.88
C ALA B 77 -14.63 -53.87 -2.89
N GLU B 78 -14.98 -53.73 -1.61
CA GLU B 78 -14.23 -54.37 -0.56
C GLU B 78 -14.66 -55.84 -0.43
N PRO B 79 -13.77 -56.69 0.08
CA PRO B 79 -14.01 -58.15 0.11
C PRO B 79 -14.98 -58.68 1.21
N TRP B 80 -16.16 -58.07 1.28
CA TRP B 80 -17.21 -58.35 2.27
C TRP B 80 -18.51 -57.66 1.89
N ASP B 81 -19.62 -58.16 2.42
CA ASP B 81 -20.92 -57.52 2.22
C ASP B 81 -21.08 -56.33 3.13
N LYS B 82 -21.94 -55.39 2.72
CA LYS B 82 -22.20 -54.15 3.46
C LYS B 82 -23.70 -53.88 3.58
N TYR B 83 -24.12 -53.44 4.75
CA TYR B 83 -25.46 -52.93 4.95
C TYR B 83 -25.37 -51.49 5.41
N ILE B 84 -25.81 -50.57 4.54
CA ILE B 84 -25.50 -49.15 4.63
C ILE B 84 -26.74 -48.36 4.94
N SER B 85 -26.57 -47.35 5.76
CA SER B 85 -27.62 -46.38 6.05
C SER B 85 -27.04 -45.12 6.65
N VAL B 86 -27.92 -44.15 6.91
CA VAL B 86 -27.54 -42.87 7.49
C VAL B 86 -28.10 -42.80 8.90
N ALA B 87 -27.28 -42.35 9.84
CA ALA B 87 -27.66 -42.35 11.27
C ALA B 87 -28.13 -41.01 11.84
N ASP B 88 -27.95 -39.93 11.08
CA ASP B 88 -28.36 -38.61 11.52
C ASP B 88 -29.33 -37.98 10.51
N GLY B 89 -29.49 -36.66 10.50
CA GLY B 89 -30.43 -36.00 9.61
C GLY B 89 -29.89 -35.67 8.24
N GLY B 90 -28.71 -36.20 7.90
CA GLY B 90 -28.09 -35.95 6.63
C GLY B 90 -28.55 -36.81 5.47
N LYS B 91 -27.97 -36.55 4.31
CA LYS B 91 -28.26 -37.33 3.12
C LYS B 91 -27.04 -37.41 2.22
N VAL B 92 -26.98 -38.53 1.51
CA VAL B 92 -25.94 -38.77 0.52
C VAL B 92 -26.56 -39.26 -0.78
N LEU B 93 -25.83 -39.03 -1.87
CA LEU B 93 -26.10 -39.71 -3.13
C LEU B 93 -25.29 -40.99 -3.13
N GLY B 94 -25.96 -42.13 -2.99
CA GLY B 94 -25.32 -43.43 -3.01
C GLY B 94 -25.11 -43.86 -4.45
N THR B 95 -23.99 -44.50 -4.72
CA THR B 95 -23.57 -44.89 -6.04
C THR B 95 -22.91 -46.26 -6.03
N TRP B 96 -23.30 -47.10 -6.99
CA TRP B 96 -22.80 -48.47 -7.06
C TRP B 96 -22.45 -48.83 -8.50
N VAL B 97 -21.37 -49.58 -8.64
CA VAL B 97 -20.89 -50.10 -9.93
C VAL B 97 -20.51 -51.56 -9.73
N ASP B 98 -21.18 -52.45 -10.45
CA ASP B 98 -20.97 -53.88 -10.32
C ASP B 98 -19.62 -54.22 -10.93
N LEU B 99 -18.72 -54.79 -10.13
CA LEU B 99 -17.40 -55.22 -10.64
C LEU B 99 -17.23 -56.73 -10.76
N ARG B 100 -18.32 -57.47 -10.70
CA ARG B 100 -18.30 -58.92 -10.82
C ARG B 100 -18.19 -59.38 -12.26
N GLU B 101 -17.38 -60.42 -12.47
CA GLU B 101 -17.27 -61.08 -13.76
C GLU B 101 -18.66 -61.57 -14.10
N GLY B 102 -19.08 -61.25 -15.31
CA GLY B 102 -20.35 -61.73 -15.81
C GLY B 102 -21.10 -60.68 -16.60
N GLU B 103 -22.37 -60.96 -16.85
CA GLU B 103 -23.17 -60.13 -17.74
C GLU B 103 -23.59 -58.77 -17.16
N THR B 104 -23.36 -58.54 -15.86
CA THR B 104 -23.68 -57.25 -15.24
C THR B 104 -22.46 -56.42 -14.87
N PHE B 105 -21.30 -56.86 -15.32
CA PHE B 105 -20.09 -56.07 -15.13
C PHE B 105 -20.28 -54.67 -15.70
N GLY B 106 -19.98 -53.68 -14.85
CA GLY B 106 -20.08 -52.28 -15.23
C GLY B 106 -21.47 -51.67 -15.05
N ASN B 107 -22.46 -52.49 -14.69
CA ASN B 107 -23.80 -51.99 -14.40
C ASN B 107 -23.79 -51.05 -13.19
N THR B 108 -24.69 -50.09 -13.19
CA THR B 108 -24.71 -49.08 -12.14
C THR B 108 -26.11 -48.86 -11.54
N TYR B 109 -26.09 -48.21 -10.37
CA TYR B 109 -27.30 -47.75 -9.71
C TYR B 109 -26.93 -46.55 -8.86
N GLN B 110 -27.84 -45.58 -8.76
CA GLN B 110 -27.67 -44.48 -7.82
C GLN B 110 -29.00 -44.14 -7.17
N THR B 111 -28.94 -43.76 -5.90
CA THR B 111 -30.14 -43.25 -5.25
C THR B 111 -29.79 -42.42 -4.01
N VAL B 112 -30.69 -41.55 -3.60
CA VAL B 112 -30.46 -40.75 -2.40
C VAL B 112 -30.78 -41.58 -1.17
N ILE B 113 -29.86 -41.58 -0.21
CA ILE B 113 -30.02 -42.29 1.05
C ILE B 113 -30.10 -41.28 2.18
N ASP B 114 -31.19 -41.36 2.93
CA ASP B 114 -31.31 -40.64 4.19
C ASP B 114 -31.66 -41.70 5.25
N ALA B 115 -31.97 -41.29 6.47
CA ALA B 115 -32.16 -42.28 7.55
C ALA B 115 -33.31 -43.25 7.33
N SER B 116 -34.20 -42.90 6.40
CA SER B 116 -35.36 -43.72 6.07
C SER B 116 -35.10 -44.76 4.98
N LYS B 117 -33.86 -44.86 4.53
CA LYS B 117 -33.47 -45.81 3.51
C LYS B 117 -32.19 -46.55 3.90
N SER B 118 -32.10 -47.81 3.54
CA SER B 118 -30.86 -48.57 3.64
C SER B 118 -30.63 -49.42 2.39
N ILE B 119 -29.40 -49.89 2.24
CA ILE B 119 -28.99 -50.65 1.07
C ILE B 119 -28.11 -51.80 1.48
N PHE B 120 -28.42 -52.99 0.99
CA PHE B 120 -27.53 -54.14 1.10
C PHE B 120 -26.71 -54.25 -0.19
N VAL B 121 -25.39 -54.22 -0.05
CA VAL B 121 -24.43 -54.29 -1.14
C VAL B 121 -23.66 -55.61 -1.06
N PRO B 122 -23.86 -56.49 -2.03
CA PRO B 122 -23.11 -57.76 -2.04
C PRO B 122 -21.64 -57.53 -2.36
N ARG B 123 -20.76 -58.37 -1.82
CA ARG B 123 -19.36 -58.41 -2.25
C ARG B 123 -19.24 -58.46 -3.77
N GLY B 124 -18.37 -57.62 -4.32
CA GLY B 124 -18.08 -57.57 -5.73
C GLY B 124 -18.68 -56.32 -6.35
N VAL B 125 -19.55 -55.65 -5.60
CA VAL B 125 -20.18 -54.42 -6.06
C VAL B 125 -19.52 -53.20 -5.39
N ALA B 126 -18.95 -52.32 -6.19
CA ALA B 126 -18.26 -51.14 -5.66
C ALA B 126 -19.25 -50.13 -5.10
N ASN B 127 -18.91 -49.62 -3.91
CA ASN B 127 -19.74 -48.73 -3.12
C ASN B 127 -19.11 -47.34 -3.08
N GLY B 128 -19.95 -46.33 -3.12
CA GLY B 128 -19.51 -44.97 -2.93
C GLY B 128 -20.64 -44.01 -2.62
N PHE B 129 -20.29 -42.80 -2.20
CA PHE B 129 -21.31 -41.79 -1.92
C PHE B 129 -20.75 -40.41 -2.01
N GLN B 130 -21.63 -39.44 -2.26
CA GLN B 130 -21.30 -38.04 -2.12
C GLN B 130 -22.27 -37.40 -1.13
N VAL B 131 -21.73 -36.53 -0.27
CA VAL B 131 -22.52 -35.89 0.78
C VAL B 131 -23.29 -34.68 0.24
N LEU B 132 -24.60 -34.71 0.41
CA LEU B 132 -25.46 -33.65 -0.10
C LEU B 132 -25.84 -32.62 0.99
N SER B 133 -25.93 -33.06 2.24
CA SER B 133 -26.23 -32.18 3.38
C SER B 133 -24.95 -31.55 3.89
N ASP B 134 -25.02 -30.72 4.94
CA ASP B 134 -23.82 -30.06 5.45
C ASP B 134 -22.84 -31.05 6.09
N PHE B 135 -23.42 -32.07 6.71
CA PHE B 135 -22.68 -33.18 7.29
C PHE B 135 -23.57 -34.42 7.23
N VAL B 136 -22.96 -35.57 7.39
CA VAL B 136 -23.73 -36.81 7.44
C VAL B 136 -22.99 -37.88 8.23
N ALA B 137 -23.76 -38.66 8.96
CA ALA B 137 -23.27 -39.82 9.69
C ALA B 137 -23.68 -41.08 8.92
N TYR B 138 -22.70 -41.76 8.36
CA TYR B 138 -22.90 -42.88 7.45
C TYR B 138 -22.47 -44.12 8.22
N SER B 139 -23.44 -44.97 8.58
CA SER B 139 -23.19 -46.08 9.48
C SER B 139 -23.51 -47.36 8.77
N TYR B 140 -22.56 -48.29 8.79
CA TYR B 140 -22.80 -49.55 8.07
C TYR B 140 -22.28 -50.78 8.79
N LEU B 141 -22.87 -51.91 8.45
CA LEU B 141 -22.46 -53.21 8.98
C LEU B 141 -21.74 -53.98 7.91
N VAL B 142 -20.68 -54.70 8.31
CA VAL B 142 -19.95 -55.58 7.41
C VAL B 142 -19.71 -56.90 8.10
N ASN B 143 -19.40 -57.91 7.30
CA ASN B 143 -19.27 -59.27 7.79
C ASN B 143 -17.86 -59.88 7.60
N ASP B 144 -16.86 -59.02 7.55
CA ASP B 144 -15.48 -59.51 7.72
C ASP B 144 -14.62 -58.36 8.26
N TYR B 145 -13.40 -58.70 8.66
CA TYR B 145 -12.49 -57.76 9.30
C TYR B 145 -11.32 -57.35 8.40
N TRP B 146 -11.00 -56.06 8.43
CA TRP B 146 -9.82 -55.49 7.78
C TRP B 146 -8.52 -56.30 7.93
N ALA B 147 -7.94 -56.69 6.81
CA ALA B 147 -6.70 -57.49 6.81
C ALA B 147 -5.90 -57.36 5.52
N LEU B 148 -4.57 -57.36 5.65
CA LEU B 148 -3.73 -57.07 4.51
C LEU B 148 -3.72 -58.33 3.62
N GLU B 149 -4.02 -59.48 4.22
CA GLU B 149 -4.19 -60.71 3.45
C GLU B 149 -5.37 -60.69 2.44
N LEU B 150 -6.25 -59.71 2.57
CA LEU B 150 -7.41 -59.60 1.70
C LEU B 150 -7.30 -58.49 0.67
N LYS B 151 -6.28 -57.63 0.78
CA LYS B 151 -6.18 -56.47 -0.10
C LYS B 151 -6.11 -56.90 -1.57
N PRO B 152 -5.50 -58.05 -1.88
CA PRO B 152 -5.55 -58.58 -3.25
C PRO B 152 -6.96 -58.89 -3.79
N LYS B 153 -7.95 -58.89 -2.92
CA LYS B 153 -9.32 -59.21 -3.30
C LYS B 153 -10.21 -57.99 -3.41
N TYR B 154 -9.62 -56.80 -3.23
CA TYR B 154 -10.31 -55.55 -3.47
C TYR B 154 -10.28 -55.25 -4.96
N ALA B 155 -11.30 -54.52 -5.38
CA ALA B 155 -11.28 -53.86 -6.68
C ALA B 155 -11.73 -52.42 -6.45
N PHE B 156 -11.28 -51.53 -7.32
CA PHE B 156 -11.63 -50.10 -7.25
C PHE B 156 -11.95 -49.58 -8.66
N VAL B 157 -12.87 -48.63 -8.76
CA VAL B 157 -12.98 -47.83 -9.98
C VAL B 157 -12.98 -46.39 -9.63
N ASN B 158 -12.40 -45.59 -10.51
CA ASN B 158 -12.31 -44.16 -10.33
C ASN B 158 -13.68 -43.52 -10.42
N TYR B 159 -14.03 -42.72 -9.41
CA TYR B 159 -15.32 -42.02 -9.37
C TYR B 159 -15.56 -41.14 -10.58
N ALA B 160 -14.49 -40.60 -11.17
CA ALA B 160 -14.61 -39.64 -12.28
C ALA B 160 -14.39 -40.21 -13.68
N ASP B 161 -14.29 -41.53 -13.85
CA ASP B 161 -14.26 -42.12 -15.19
C ASP B 161 -15.57 -41.71 -15.87
N PRO B 162 -15.52 -40.87 -16.92
CA PRO B 162 -16.75 -40.33 -17.51
C PRO B 162 -17.60 -41.34 -18.30
N SER B 163 -17.05 -42.54 -18.54
CA SER B 163 -17.76 -43.60 -19.25
C SER B 163 -18.65 -44.44 -18.31
N LEU B 164 -18.50 -44.26 -17.01
CA LEU B 164 -19.43 -44.87 -16.04
C LEU B 164 -20.81 -44.28 -16.21
N ASP B 165 -21.82 -45.12 -16.09
CA ASP B 165 -23.20 -44.68 -16.27
C ASP B 165 -23.75 -44.15 -14.95
N ILE B 166 -23.09 -43.09 -14.46
CA ILE B 166 -23.44 -42.41 -13.22
C ILE B 166 -23.26 -40.91 -13.41
N LYS B 167 -23.93 -40.16 -12.55
CA LYS B 167 -23.78 -38.72 -12.51
C LYS B 167 -23.71 -38.30 -11.06
N TRP B 168 -22.66 -37.56 -10.73
CA TRP B 168 -22.49 -37.01 -9.38
C TRP B 168 -23.14 -35.62 -9.33
N GLU B 169 -23.47 -35.20 -8.11
CA GLU B 169 -24.09 -33.91 -7.87
C GLU B 169 -23.19 -32.74 -8.16
N ASN B 170 -21.92 -32.80 -7.79
CA ASN B 170 -21.13 -31.60 -8.11
C ASN B 170 -19.73 -31.78 -8.63
N LEU B 171 -19.41 -32.99 -9.10
CA LEU B 171 -18.08 -33.37 -9.58
C LEU B 171 -16.94 -32.36 -9.38
N GLU B 172 -17.13 -31.14 -9.93
CA GLU B 172 -16.22 -30.01 -9.79
C GLU B 172 -15.78 -29.64 -8.37
N GLU B 173 -16.70 -29.70 -7.42
CA GLU B 173 -16.41 -29.30 -6.04
C GLU B 173 -16.23 -30.50 -5.08
N ALA B 174 -16.10 -31.70 -5.62
CA ALA B 174 -15.95 -32.91 -4.80
C ALA B 174 -14.67 -32.78 -3.95
N GLU B 175 -14.74 -33.19 -2.68
CA GLU B 175 -13.54 -33.27 -1.84
C GLU B 175 -13.19 -34.75 -1.76
N VAL B 176 -12.10 -35.13 -2.41
CA VAL B 176 -11.76 -36.53 -2.61
C VAL B 176 -10.37 -36.75 -2.09
N SER B 177 -10.14 -37.92 -1.48
CA SER B 177 -8.80 -38.31 -1.10
C SER B 177 -7.88 -38.52 -2.32
N GLU B 178 -6.58 -38.43 -2.09
CA GLU B 178 -5.60 -38.74 -3.13
C GLU B 178 -5.82 -40.15 -3.70
N ALA B 179 -6.02 -41.13 -2.82
CA ALA B 179 -6.19 -42.54 -3.23
C ALA B 179 -7.38 -42.67 -4.20
N ASP B 180 -8.51 -42.02 -3.86
CA ASP B 180 -9.70 -42.10 -4.73
C ASP B 180 -9.48 -41.42 -6.09
N GLU B 181 -8.67 -40.37 -6.13
CA GLU B 181 -8.33 -39.72 -7.41
C GLU B 181 -7.64 -40.63 -8.39
N ASN B 182 -6.91 -41.61 -7.85
CA ASN B 182 -5.97 -42.41 -8.62
C ASN B 182 -6.43 -43.84 -8.95
N HIS B 183 -7.70 -44.20 -8.65
CA HIS B 183 -8.15 -45.56 -8.95
C HIS B 183 -8.27 -45.73 -10.45
N PRO B 184 -8.09 -46.97 -10.91
CA PRO B 184 -8.16 -47.26 -12.35
C PRO B 184 -9.52 -46.99 -12.96
N PHE B 185 -9.51 -46.64 -14.24
CA PHE B 185 -10.73 -46.51 -15.03
C PHE B 185 -11.34 -47.91 -15.26
N LEU B 186 -12.65 -47.98 -15.48
CA LEU B 186 -13.33 -49.28 -15.58
C LEU B 186 -12.66 -50.24 -16.59
N LYS B 187 -12.11 -49.68 -17.68
CA LYS B 187 -11.41 -50.44 -18.72
C LYS B 187 -10.25 -51.28 -18.16
N ASP B 188 -9.57 -50.73 -17.16
CA ASP B 188 -8.37 -51.31 -16.55
C ASP B 188 -8.63 -52.06 -15.23
N VAL B 189 -9.91 -52.32 -14.91
CA VAL B 189 -10.25 -53.12 -13.75
C VAL B 189 -10.42 -54.56 -14.18
N LYS B 190 -9.83 -55.47 -13.40
CA LYS B 190 -9.98 -56.90 -13.65
C LYS B 190 -11.26 -57.34 -12.95
N PRO B 191 -12.24 -57.86 -13.68
CA PRO B 191 -13.48 -58.29 -13.05
C PRO B 191 -13.20 -59.27 -11.92
N LEU B 192 -13.94 -59.13 -10.83
CA LEU B 192 -13.88 -60.06 -9.73
C LEU B 192 -14.60 -61.36 -10.06
N ARG B 193 -13.92 -62.49 -9.84
CA ARG B 193 -14.48 -63.81 -10.15
C ARG B 193 -15.21 -64.35 -8.93
N LYS B 194 -15.99 -65.40 -9.12
CA LYS B 194 -16.81 -65.96 -8.02
C LYS B 194 -15.99 -66.42 -6.80
N GLU B 195 -14.83 -67.01 -7.05
CA GLU B 195 -13.86 -67.39 -5.99
C GLU B 195 -13.41 -66.21 -5.08
N ASP B 196 -13.31 -65.01 -5.64
CA ASP B 196 -12.98 -63.78 -4.90
C ASP B 196 -14.22 -63.17 -4.22
N LEU B 197 -15.36 -63.81 -4.48
CA LEU B 197 -16.71 -63.37 -4.17
C LEU B 197 -17.29 -62.35 -5.16
N ASN C 4 37.60 29.64 -15.04
CA ASN C 4 37.51 30.21 -13.67
C ASN C 4 36.36 31.23 -13.63
N PHE C 5 35.67 31.34 -12.50
CA PHE C 5 34.67 32.39 -12.31
C PHE C 5 34.92 33.19 -11.04
N PHE C 6 34.98 32.49 -9.90
CA PHE C 6 35.14 33.15 -8.62
C PHE C 6 36.59 33.50 -8.32
N GLY C 7 36.78 34.61 -7.62
CA GLY C 7 38.03 34.91 -6.93
C GLY C 7 39.23 35.22 -7.78
N LYS C 8 39.02 35.69 -9.00
CA LYS C 8 40.14 36.11 -9.85
C LYS C 8 40.77 37.38 -9.29
N THR C 9 42.05 37.54 -9.56
CA THR C 9 42.76 38.77 -9.25
C THR C 9 42.38 39.84 -10.23
N LEU C 10 42.06 41.04 -9.76
CA LEU C 10 41.80 42.15 -10.65
C LEU C 10 43.00 42.36 -11.58
N ALA C 11 42.74 42.32 -12.87
CA ALA C 11 43.80 42.42 -13.85
C ALA C 11 43.27 42.90 -15.20
N ALA C 12 44.17 43.48 -15.99
CA ALA C 12 43.85 43.97 -17.31
C ALA C 12 44.86 43.53 -18.37
N ARG C 13 44.36 43.17 -19.54
CA ARG C 13 45.20 42.86 -20.69
C ARG C 13 44.78 43.68 -21.90
N PRO C 14 45.72 44.24 -22.65
CA PRO C 14 45.37 44.88 -23.92
C PRO C 14 44.96 43.87 -24.99
N VAL C 15 44.22 44.31 -26.00
CA VAL C 15 43.87 43.49 -27.14
C VAL C 15 44.72 44.00 -28.29
N GLU C 16 45.71 43.19 -28.64
CA GLU C 16 46.74 43.58 -29.57
C GLU C 16 46.15 44.11 -30.89
N ALA C 17 45.10 43.45 -31.36
CA ALA C 17 44.54 43.76 -32.69
C ALA C 17 43.77 45.07 -32.74
N ILE C 18 43.32 45.54 -31.58
CA ILE C 18 42.46 46.70 -31.52
C ILE C 18 43.02 47.60 -30.45
N PRO C 19 43.88 48.54 -30.86
CA PRO C 19 44.45 49.54 -29.95
C PRO C 19 43.42 50.28 -29.08
N GLY C 20 43.75 50.44 -27.82
CA GLY C 20 42.81 51.07 -26.90
C GLY C 20 41.86 50.12 -26.20
N MET C 21 41.67 48.91 -26.73
CA MET C 21 40.79 47.94 -26.10
C MET C 21 41.48 47.30 -24.89
N LEU C 22 40.73 47.11 -23.79
CA LEU C 22 41.24 46.42 -22.60
C LEU C 22 40.27 45.34 -22.15
N GLU C 23 40.81 44.21 -21.74
CA GLU C 23 40.03 43.15 -21.17
C GLU C 23 40.41 43.03 -19.70
N PHE C 24 39.42 43.00 -18.83
CA PHE C 24 39.64 42.89 -17.38
C PHE C 24 39.15 41.60 -16.81
N ASP C 25 39.91 41.07 -15.86
CA ASP C 25 39.44 40.01 -15.00
C ASP C 25 38.88 40.70 -13.76
N ILE C 26 37.63 40.40 -13.42
CA ILE C 26 36.95 41.03 -12.28
C ILE C 26 36.78 40.03 -11.16
N PRO C 27 37.26 40.36 -9.95
CA PRO C 27 37.01 39.52 -8.77
C PRO C 27 35.51 39.36 -8.46
N VAL C 28 35.04 38.13 -8.42
CA VAL C 28 33.66 37.82 -8.05
C VAL C 28 33.71 36.91 -6.82
N HIS C 29 33.12 37.40 -5.75
CA HIS C 29 33.19 36.78 -4.44
C HIS C 29 31.89 36.04 -4.15
N GLY C 30 31.97 34.71 -4.12
CA GLY C 30 30.82 33.88 -3.88
C GLY C 30 30.61 33.57 -2.41
N ASP C 31 29.35 33.38 -2.05
CA ASP C 31 28.95 32.85 -0.76
C ASP C 31 27.57 32.17 -0.87
N ASN C 32 26.98 31.83 0.27
CA ASN C 32 25.70 31.12 0.30
C ASN C 32 24.58 31.90 -0.41
N ARG C 33 24.65 33.21 -0.36
CA ARG C 33 23.62 34.06 -0.95
C ARG C 33 23.66 34.16 -2.50
N GLY C 34 24.85 33.95 -3.06
CA GLY C 34 25.12 34.19 -4.47
C GLY C 34 26.53 34.76 -4.60
N TRP C 35 26.64 35.95 -5.16
CA TRP C 35 27.93 36.61 -5.31
C TRP C 35 27.86 38.13 -5.31
N PHE C 36 29.04 38.72 -5.16
CA PHE C 36 29.22 40.18 -5.21
C PHE C 36 30.49 40.47 -6.04
N LYS C 37 30.45 41.54 -6.84
CA LYS C 37 31.62 42.13 -7.49
C LYS C 37 31.64 43.66 -7.48
N GLU C 38 32.84 44.22 -7.42
CA GLU C 38 33.05 45.59 -7.83
C GLU C 38 33.18 45.56 -9.35
N ASN C 39 32.06 45.72 -10.05
CA ASN C 39 32.09 45.67 -11.52
C ASN C 39 32.99 46.74 -12.17
N PHE C 40 32.96 47.93 -11.59
CA PHE C 40 33.84 49.05 -11.94
C PHE C 40 34.29 49.77 -10.68
N GLN C 41 35.57 50.09 -10.58
CA GLN C 41 36.10 50.80 -9.41
C GLN C 41 37.20 51.69 -9.94
N LYS C 42 36.92 53.00 -9.99
CA LYS C 42 37.75 53.93 -10.71
C LYS C 42 39.18 53.96 -10.15
N GLU C 43 39.33 54.12 -8.85
CA GLU C 43 40.63 54.24 -8.21
C GLU C 43 41.52 53.01 -8.44
N LYS C 44 40.88 51.84 -8.48
CA LYS C 44 41.58 50.57 -8.67
C LYS C 44 41.88 50.31 -10.13
N MET C 45 41.03 50.81 -11.03
CA MET C 45 41.12 50.47 -12.45
C MET C 45 41.99 51.41 -13.30
N LEU C 46 42.10 52.69 -12.93
CA LEU C 46 43.01 53.60 -13.61
C LEU C 46 44.46 53.10 -13.66
N PRO C 47 45.03 52.66 -12.54
CA PRO C 47 46.40 52.12 -12.58
C PRO C 47 46.59 50.87 -13.44
N LEU C 48 45.52 50.20 -13.83
CA LEU C 48 45.56 49.00 -14.67
C LEU C 48 45.29 49.32 -16.14
N GLY C 49 45.06 50.59 -16.45
CA GLY C 49 44.94 51.03 -17.83
C GLY C 49 43.60 51.55 -18.27
N PHE C 50 42.60 51.50 -17.40
CA PHE C 50 41.34 52.11 -17.73
C PHE C 50 41.63 53.58 -17.99
N PRO C 51 41.25 54.09 -19.15
CA PRO C 51 41.69 55.43 -19.57
C PRO C 51 41.03 56.59 -18.83
N GLU C 52 41.89 57.43 -18.27
CA GLU C 52 41.49 58.69 -17.67
C GLU C 52 40.64 59.52 -18.66
N SER C 53 40.94 59.40 -19.97
CA SER C 53 40.21 60.12 -20.99
C SER C 53 38.70 59.77 -21.06
N PHE C 54 38.31 58.60 -20.58
CA PHE C 54 36.88 58.30 -20.41
C PHE C 54 36.06 59.39 -19.67
N PHE C 55 36.74 60.07 -18.73
CA PHE C 55 36.12 61.09 -17.87
C PHE C 55 36.27 62.53 -18.41
N ALA C 56 36.78 62.69 -19.64
CA ALA C 56 37.10 64.03 -20.15
C ALA C 56 35.96 65.05 -20.06
N GLU C 57 34.74 64.63 -20.39
CA GLU C 57 33.60 65.57 -20.47
C GLU C 57 32.69 65.50 -19.24
N GLY C 58 32.98 64.62 -18.29
CA GLY C 58 32.18 64.44 -17.09
C GLY C 58 30.77 63.93 -17.38
N LYS C 59 30.63 63.14 -18.43
CA LYS C 59 29.35 62.57 -18.83
C LYS C 59 29.27 61.11 -18.41
N LEU C 60 28.07 60.64 -18.02
CA LEU C 60 27.90 59.27 -17.55
C LEU C 60 26.49 58.76 -17.81
N GLN C 61 26.44 57.55 -18.37
CA GLN C 61 25.18 56.84 -18.56
C GLN C 61 25.44 55.34 -18.37
N ASN C 62 24.52 54.65 -17.69
CA ASN C 62 24.58 53.20 -17.50
C ASN C 62 23.38 52.62 -18.21
N ASN C 63 23.64 51.81 -19.22
CA ASN C 63 22.58 51.09 -19.94
C ASN C 63 22.57 49.63 -19.54
N VAL C 64 21.37 49.04 -19.58
CA VAL C 64 21.22 47.62 -19.31
C VAL C 64 20.27 47.02 -20.30
N SER C 65 20.65 45.89 -20.87
CA SER C 65 19.72 45.07 -21.67
C SER C 65 19.62 43.68 -21.12
N PHE C 66 18.43 43.11 -21.33
CA PHE C 66 18.15 41.76 -20.93
C PHE C 66 17.72 41.00 -22.20
N SER C 67 18.39 39.88 -22.45
CA SER C 67 18.26 39.15 -23.70
C SER C 67 18.17 37.64 -23.47
N ARG C 68 17.48 36.93 -24.37
CA ARG C 68 17.38 35.48 -24.33
C ARG C 68 18.40 34.82 -25.23
N LYS C 69 18.54 33.51 -25.07
CA LYS C 69 19.54 32.74 -25.84
C LYS C 69 19.46 33.00 -27.35
N ASN C 70 20.62 33.11 -27.98
CA ASN C 70 20.75 33.31 -29.44
C ASN C 70 20.42 34.70 -29.95
N VAL C 71 19.95 35.58 -29.08
CA VAL C 71 19.83 36.99 -29.45
C VAL C 71 21.22 37.52 -29.79
N LEU C 72 21.30 38.30 -30.85
CA LEU C 72 22.55 38.86 -31.32
C LEU C 72 22.31 40.36 -31.53
N ARG C 73 23.07 41.19 -30.84
CA ARG C 73 22.95 42.63 -30.96
C ARG C 73 24.24 43.16 -31.46
N GLY C 74 24.16 43.96 -32.48
CA GLY C 74 25.28 44.76 -32.78
C GLY C 74 25.72 44.92 -34.16
N LEU C 75 27.03 45.09 -34.03
CA LEU C 75 28.04 45.92 -34.61
C LEU C 75 27.71 47.40 -34.67
N HIS C 76 27.80 47.98 -33.46
CA HIS C 76 27.54 49.39 -33.17
C HIS C 76 28.80 50.17 -32.74
N ALA C 77 29.13 51.22 -33.48
CA ALA C 77 30.29 52.07 -33.23
C ALA C 77 29.93 53.56 -33.11
N GLU C 78 29.08 53.87 -32.14
CA GLU C 78 28.61 55.22 -31.88
C GLU C 78 29.76 56.03 -31.26
N PRO C 79 29.67 57.35 -31.33
CA PRO C 79 30.77 58.22 -30.88
C PRO C 79 30.87 58.34 -29.35
N TRP C 80 31.04 57.23 -28.68
CA TRP C 80 31.33 57.21 -27.25
C TRP C 80 32.06 55.92 -26.88
N ASP C 81 32.77 55.97 -25.77
CA ASP C 81 33.42 54.78 -25.21
C ASP C 81 32.39 53.93 -24.47
N LYS C 82 32.70 52.63 -24.33
CA LYS C 82 31.83 51.72 -23.60
C LYS C 82 32.63 50.81 -22.67
N TYR C 83 32.16 50.64 -21.44
CA TYR C 83 32.73 49.67 -20.53
C TYR C 83 31.67 48.62 -20.27
N ILE C 84 31.92 47.42 -20.78
CA ILE C 84 30.91 46.37 -20.86
C ILE C 84 31.14 45.22 -19.91
N SER C 85 30.04 44.71 -19.35
CA SER C 85 30.07 43.51 -18.51
C SER C 85 28.70 42.88 -18.38
N VAL C 86 28.67 41.75 -17.70
CA VAL C 86 27.46 40.97 -17.50
C VAL C 86 27.10 41.09 -16.02
N ALA C 87 25.82 41.32 -15.75
CA ALA C 87 25.36 41.60 -14.40
C ALA C 87 24.66 40.44 -13.68
N ASP C 88 24.31 39.37 -14.40
CA ASP C 88 23.68 38.19 -13.81
C ASP C 88 24.54 36.94 -14.04
N GLY C 89 23.97 35.74 -14.00
CA GLY C 89 24.74 34.51 -14.17
C GLY C 89 24.90 34.04 -15.61
N GLY C 90 24.56 34.90 -16.56
CA GLY C 90 24.63 34.56 -17.99
C GLY C 90 25.97 34.77 -18.65
N LYS C 91 26.02 34.46 -19.94
CA LYS C 91 27.23 34.67 -20.74
C LYS C 91 26.91 35.02 -22.16
N VAL C 92 27.81 35.80 -22.75
CA VAL C 92 27.68 36.18 -24.16
C VAL C 92 28.98 35.92 -24.87
N LEU C 93 28.93 35.74 -26.19
CA LEU C 93 30.10 35.87 -27.04
C LEU C 93 30.23 37.33 -27.47
N GLY C 94 31.22 38.03 -26.93
CA GLY C 94 31.47 39.42 -27.29
C GLY C 94 32.26 39.46 -28.60
N THR C 95 31.99 40.47 -29.41
CA THR C 95 32.55 40.58 -30.74
C THR C 95 32.83 42.03 -31.06
N TRP C 96 34.00 42.29 -31.63
CA TRP C 96 34.42 43.67 -31.95
C TRP C 96 35.06 43.74 -33.32
N VAL C 97 34.79 44.84 -34.03
CA VAL C 97 35.36 45.16 -35.33
C VAL C 97 35.80 46.63 -35.29
N ASP C 98 37.07 46.86 -35.50
CA ASP C 98 37.63 48.20 -35.49
C ASP C 98 37.22 48.94 -36.76
N LEU C 99 36.54 50.07 -36.61
CA LEU C 99 36.11 50.88 -37.75
C LEU C 99 36.86 52.20 -37.88
N ARG C 100 37.98 52.31 -37.17
CA ARG C 100 38.80 53.51 -37.24
C ARG C 100 39.71 53.53 -38.46
N GLU C 101 39.83 54.69 -39.10
CA GLU C 101 40.72 54.90 -40.22
C GLU C 101 42.16 54.58 -39.82
N GLY C 102 42.82 53.77 -40.66
CA GLY C 102 44.20 53.43 -40.45
C GLY C 102 44.48 51.96 -40.59
N GLU C 103 45.61 51.57 -40.00
CA GLU C 103 46.18 50.24 -40.15
C GLU C 103 45.37 49.15 -39.55
N THR C 104 44.50 49.47 -38.58
CA THR C 104 43.71 48.43 -37.94
C THR C 104 42.25 48.41 -38.38
N PHE C 105 41.87 49.14 -39.44
CA PHE C 105 40.48 49.15 -39.88
C PHE C 105 40.11 47.74 -40.31
N GLY C 106 39.03 47.21 -39.76
CA GLY C 106 38.58 45.86 -40.05
C GLY C 106 39.09 44.79 -39.09
N ASN C 107 40.06 45.13 -38.24
CA ASN C 107 40.63 44.16 -37.29
C ASN C 107 39.54 43.74 -36.32
N THR C 108 39.60 42.49 -35.84
CA THR C 108 38.55 41.95 -34.98
C THR C 108 39.13 41.30 -33.72
N TYR C 109 38.23 41.07 -32.78
CA TYR C 109 38.48 40.30 -31.58
C TYR C 109 37.16 39.69 -31.14
N GLN C 110 37.23 38.50 -30.56
CA GLN C 110 36.07 37.90 -29.90
C GLN C 110 36.51 37.22 -28.64
N THR C 111 35.62 37.24 -27.64
CA THR C 111 35.82 36.47 -26.40
C THR C 111 34.50 36.27 -25.64
N VAL C 112 34.46 35.24 -24.80
CA VAL C 112 33.27 35.00 -23.97
C VAL C 112 33.32 35.90 -22.75
N ILE C 113 32.21 36.59 -22.49
CA ILE C 113 32.06 37.46 -21.33
C ILE C 113 31.01 36.88 -20.39
N ASP C 114 31.39 36.66 -19.14
CA ASP C 114 30.42 36.48 -18.05
C ASP C 114 30.68 37.52 -16.95
N ALA C 115 30.05 37.38 -15.78
CA ALA C 115 30.17 38.44 -14.77
C ALA C 115 31.64 38.67 -14.31
N SER C 116 32.53 37.71 -14.55
CA SER C 116 33.94 37.78 -14.11
C SER C 116 34.91 38.43 -15.13
N LYS C 117 34.34 39.00 -16.20
CA LYS C 117 35.14 39.66 -17.24
C LYS C 117 34.45 40.94 -17.68
N SER C 118 35.24 41.96 -17.97
CA SER C 118 34.70 43.19 -18.54
C SER C 118 35.62 43.65 -19.67
N ILE C 119 35.11 44.54 -20.51
CA ILE C 119 35.81 44.98 -21.71
C ILE C 119 35.64 46.47 -21.87
N PHE C 120 36.75 47.19 -22.06
CA PHE C 120 36.71 48.57 -22.47
C PHE C 120 36.82 48.69 -24.01
N VAL C 121 35.83 49.32 -24.62
CA VAL C 121 35.72 49.50 -26.06
C VAL C 121 35.86 50.98 -26.42
N PRO C 122 36.98 51.36 -27.03
CA PRO C 122 37.16 52.77 -27.40
C PRO C 122 36.20 53.16 -28.47
N ARG C 123 35.82 54.43 -28.47
CA ARG C 123 34.95 54.92 -29.53
C ARG C 123 35.62 54.69 -30.90
N GLY C 124 34.82 54.23 -31.85
CA GLY C 124 35.26 53.96 -33.20
C GLY C 124 35.41 52.47 -33.41
N VAL C 125 35.25 51.67 -32.35
CA VAL C 125 35.32 50.22 -32.44
C VAL C 125 33.88 49.70 -32.27
N ALA C 126 33.41 48.94 -33.25
CA ALA C 126 32.05 48.39 -33.25
C ALA C 126 31.90 47.28 -32.22
N ASN C 127 30.82 47.36 -31.45
CA ASN C 127 30.51 46.45 -30.37
C ASN C 127 29.32 45.55 -30.69
N GLY C 128 29.42 44.29 -30.28
CA GLY C 128 28.31 43.36 -30.42
C GLY C 128 28.42 42.16 -29.51
N PHE C 129 27.34 41.42 -29.43
CA PHE C 129 27.36 40.16 -28.68
C PHE C 129 26.28 39.20 -29.12
N GLN C 130 26.51 37.91 -28.87
CA GLN C 130 25.46 36.91 -29.01
C GLN C 130 25.30 36.17 -27.68
N VAL C 131 24.06 35.96 -27.29
CA VAL C 131 23.73 35.35 -25.99
C VAL C 131 23.94 33.82 -26.05
N LEU C 132 24.78 33.32 -25.16
CA LEU C 132 25.10 31.88 -25.07
C LEU C 132 24.23 31.17 -24.06
N SER C 133 23.90 31.85 -22.96
CA SER C 133 23.11 31.30 -21.89
C SER C 133 21.60 31.43 -22.18
N ASP C 134 20.74 30.88 -21.31
CA ASP C 134 19.29 30.97 -21.53
C ASP C 134 18.84 32.44 -21.52
N PHE C 135 19.44 33.22 -20.63
CA PHE C 135 19.24 34.67 -20.56
C PHE C 135 20.50 35.34 -20.06
N VAL C 136 20.59 36.65 -20.28
CA VAL C 136 21.71 37.45 -19.79
C VAL C 136 21.31 38.90 -19.58
N ALA C 137 21.88 39.49 -18.54
CA ALA C 137 21.78 40.89 -18.21
C ALA C 137 23.12 41.51 -18.58
N TYR C 138 23.07 42.45 -19.51
CA TYR C 138 24.25 43.07 -20.10
C TYR C 138 24.23 44.52 -19.67
N SER C 139 25.22 44.92 -18.87
CA SER C 139 25.25 46.24 -18.26
C SER C 139 26.53 46.95 -18.65
N TYR C 140 26.39 48.17 -19.13
CA TYR C 140 27.55 48.91 -19.56
C TYR C 140 27.48 50.41 -19.27
N LEU C 141 28.66 51.01 -19.16
CA LEU C 141 28.82 52.45 -18.92
C LEU C 141 29.33 53.13 -20.18
N VAL C 142 28.82 54.34 -20.45
CA VAL C 142 29.20 55.14 -21.60
C VAL C 142 29.43 56.59 -21.16
N ASN C 143 30.16 57.34 -21.99
CA ASN C 143 30.53 58.73 -21.69
C ASN C 143 30.02 59.78 -22.69
N ASP C 144 29.00 59.45 -23.47
CA ASP C 144 28.19 60.48 -24.13
C ASP C 144 26.78 59.97 -24.34
N TYR C 145 25.88 60.86 -24.75
CA TYR C 145 24.43 60.59 -24.70
C TYR C 145 23.78 60.39 -26.07
N TRP C 146 23.28 59.17 -26.25
CA TRP C 146 22.48 58.75 -27.39
C TRP C 146 21.23 59.61 -27.55
N ALA C 147 20.88 59.88 -28.79
CA ALA C 147 19.61 60.51 -29.13
C ALA C 147 19.08 59.93 -30.42
N LEU C 148 17.77 59.66 -30.43
CA LEU C 148 17.09 59.03 -31.55
C LEU C 148 17.45 59.69 -32.88
N GLU C 149 17.36 61.01 -32.88
CA GLU C 149 17.47 61.83 -34.10
C GLU C 149 18.87 61.79 -34.70
N LEU C 150 19.84 61.49 -33.84
CA LEU C 150 21.25 61.45 -34.24
C LEU C 150 21.69 60.07 -34.75
N LYS C 151 20.83 59.08 -34.66
CA LYS C 151 21.22 57.71 -35.01
C LYS C 151 21.72 57.56 -36.45
N PRO C 152 21.15 58.31 -37.39
CA PRO C 152 21.70 58.34 -38.74
C PRO C 152 23.15 58.79 -38.85
N LYS C 153 23.66 59.58 -37.90
CA LYS C 153 25.07 59.98 -37.88
C LYS C 153 25.99 58.86 -37.39
N TYR C 154 25.46 57.86 -36.66
CA TYR C 154 26.33 56.89 -35.99
C TYR C 154 26.81 55.83 -36.95
N ALA C 155 27.97 55.24 -36.66
CA ALA C 155 28.57 54.18 -37.49
C ALA C 155 28.11 52.81 -36.99
N PHE C 156 27.70 51.97 -37.94
CA PHE C 156 27.27 50.61 -37.71
C PHE C 156 27.85 49.71 -38.81
N VAL C 157 28.05 48.43 -38.50
CA VAL C 157 28.36 47.47 -39.54
C VAL C 157 27.55 46.18 -39.32
N ASN C 158 27.20 45.53 -40.43
CA ASN C 158 26.28 44.41 -40.40
C ASN C 158 26.91 43.16 -39.79
N TYR C 159 26.25 42.60 -38.76
CA TYR C 159 26.74 41.41 -38.07
C TYR C 159 27.00 40.22 -39.00
N ALA C 160 26.28 40.17 -40.14
CA ALA C 160 26.32 39.00 -41.01
C ALA C 160 27.19 39.17 -42.25
N ASP C 161 27.94 40.27 -42.35
CA ASP C 161 28.83 40.48 -43.48
C ASP C 161 29.87 39.36 -43.40
N PRO C 162 29.87 38.42 -44.35
CA PRO C 162 30.71 37.24 -44.22
C PRO C 162 32.19 37.55 -44.40
N SER C 163 32.52 38.74 -44.90
CA SER C 163 33.91 39.14 -45.04
C SER C 163 34.57 39.58 -43.74
N LEU C 164 33.78 39.77 -42.68
CA LEU C 164 34.32 40.10 -41.37
C LEU C 164 35.06 38.89 -40.78
N ASP C 165 36.17 39.16 -40.10
CA ASP C 165 37.01 38.09 -39.55
C ASP C 165 36.48 37.72 -38.14
N ILE C 166 35.23 37.24 -38.12
CA ILE C 166 34.54 36.80 -36.93
C ILE C 166 33.72 35.54 -37.24
N LYS C 167 33.46 34.76 -36.20
CA LYS C 167 32.47 33.68 -36.25
C LYS C 167 31.53 33.78 -35.07
N TRP C 168 30.25 33.90 -35.35
CA TRP C 168 29.24 33.91 -34.31
C TRP C 168 29.00 32.49 -33.82
N GLU C 169 28.41 32.35 -32.63
CA GLU C 169 28.13 31.04 -32.05
C GLU C 169 27.12 30.26 -32.87
N ASN C 170 26.02 30.92 -33.21
CA ASN C 170 24.93 30.30 -33.95
C ASN C 170 24.31 31.33 -34.87
N LEU C 171 24.92 31.55 -36.03
CA LEU C 171 24.45 32.58 -36.94
C LEU C 171 23.03 32.26 -37.46
N GLU C 172 22.77 30.97 -37.67
CA GLU C 172 21.52 30.52 -38.28
C GLU C 172 20.31 30.82 -37.41
N GLU C 173 20.48 30.68 -36.11
CA GLU C 173 19.40 30.89 -35.17
C GLU C 173 19.46 32.27 -34.51
N ALA C 174 20.28 33.19 -35.04
CA ALA C 174 20.43 34.52 -34.43
C ALA C 174 19.11 35.26 -34.42
N GLU C 175 18.79 35.89 -33.31
CA GLU C 175 17.56 36.67 -33.18
C GLU C 175 18.00 38.13 -33.09
N VAL C 176 17.69 38.90 -34.12
CA VAL C 176 18.25 40.24 -34.30
C VAL C 176 17.15 41.28 -34.51
N SER C 177 17.46 42.53 -34.20
CA SER C 177 16.55 43.63 -34.49
C SER C 177 16.47 43.92 -35.98
N GLU C 178 15.40 44.58 -36.39
CA GLU C 178 15.27 45.04 -37.75
C GLU C 178 16.40 45.99 -38.13
N ALA C 179 16.76 46.88 -37.21
CA ALA C 179 17.84 47.83 -37.41
C ALA C 179 19.14 47.09 -37.68
N ASP C 180 19.43 46.07 -36.86
CA ASP C 180 20.65 45.31 -37.00
C ASP C 180 20.68 44.47 -38.28
N GLU C 181 19.52 44.04 -38.74
CA GLU C 181 19.43 43.35 -40.03
C GLU C 181 19.89 44.24 -41.19
N ASN C 182 19.70 45.56 -41.06
CA ASN C 182 19.84 46.49 -42.18
C ASN C 182 21.07 47.41 -42.15
N HIS C 183 22.01 47.16 -41.25
CA HIS C 183 23.22 47.96 -41.18
C HIS C 183 24.08 47.66 -42.41
N PRO C 184 24.90 48.61 -42.86
CA PRO C 184 25.71 48.42 -44.07
C PRO C 184 26.81 47.38 -43.88
N PHE C 185 27.24 46.75 -44.98
CA PHE C 185 28.41 45.88 -44.95
C PHE C 185 29.62 46.80 -44.85
N LEU C 186 30.74 46.23 -44.45
CA LEU C 186 31.96 46.98 -44.19
C LEU C 186 32.44 47.76 -45.40
N LYS C 187 32.23 47.22 -46.61
CA LYS C 187 32.69 47.89 -47.82
C LYS C 187 32.02 49.26 -47.98
N ASP C 188 30.82 49.42 -47.40
CA ASP C 188 30.11 50.71 -47.43
C ASP C 188 30.24 51.56 -46.16
N VAL C 189 31.11 51.16 -45.24
CA VAL C 189 31.42 51.97 -44.06
C VAL C 189 32.72 52.75 -44.28
N LYS C 190 32.59 54.06 -44.26
CA LYS C 190 33.73 54.96 -44.33
C LYS C 190 34.53 54.91 -43.01
N PRO C 191 35.80 54.56 -43.09
CA PRO C 191 36.62 54.48 -41.86
C PRO C 191 36.50 55.79 -41.06
N LEU C 192 36.41 55.68 -39.75
CA LEU C 192 36.17 56.82 -38.91
C LEU C 192 37.46 57.57 -38.63
N ARG C 193 37.46 58.86 -38.92
CA ARG C 193 38.55 59.72 -38.53
C ARG C 193 38.27 60.23 -37.12
N LYS C 194 39.28 60.79 -36.49
CA LYS C 194 39.15 61.33 -35.13
C LYS C 194 38.13 62.49 -35.09
N GLU C 195 37.90 63.12 -36.24
CA GLU C 195 36.93 64.21 -36.36
C GLU C 195 35.49 63.71 -36.29
N ASP C 196 35.26 62.41 -36.50
CA ASP C 196 33.89 61.85 -36.44
C ASP C 196 33.66 61.06 -35.13
N LEU C 197 34.72 60.98 -34.34
CA LEU C 197 34.85 59.94 -33.32
C LEU C 197 34.61 58.56 -33.91
N ASN D 4 2.47 47.14 -13.74
CA ASN D 4 3.01 47.67 -15.02
C ASN D 4 4.55 47.77 -15.01
N PHE D 5 5.17 47.47 -16.16
CA PHE D 5 6.62 47.32 -16.25
C PHE D 5 7.23 48.17 -17.36
N PHE D 6 6.75 48.00 -18.58
CA PHE D 6 7.33 48.66 -19.75
C PHE D 6 6.79 50.07 -19.94
N GLY D 7 7.60 50.91 -20.58
CA GLY D 7 7.13 52.16 -21.13
C GLY D 7 6.69 53.23 -20.16
N LYS D 8 7.22 53.21 -18.94
CA LYS D 8 6.95 54.29 -18.00
C LYS D 8 7.66 55.55 -18.44
N THR D 9 7.14 56.69 -18.00
CA THR D 9 7.75 57.99 -18.22
C THR D 9 8.84 58.20 -17.18
N LEU D 10 9.99 58.71 -17.59
CA LEU D 10 11.09 58.98 -16.66
C LEU D 10 10.61 60.07 -15.70
N ALA D 11 10.63 59.74 -14.42
CA ALA D 11 10.16 60.66 -13.38
C ALA D 11 10.82 60.38 -12.03
N ALA D 12 10.83 61.40 -11.17
CA ALA D 12 11.38 61.24 -9.83
C ALA D 12 10.40 61.77 -8.80
N ARG D 13 10.36 61.12 -7.65
CA ARG D 13 9.56 61.55 -6.51
C ARG D 13 10.43 61.50 -5.25
N PRO D 14 10.23 62.47 -4.35
CA PRO D 14 10.86 62.40 -3.02
C PRO D 14 10.24 61.32 -2.16
N VAL D 15 11.00 60.81 -1.21
CA VAL D 15 10.41 59.97 -0.20
C VAL D 15 10.26 60.87 1.02
N GLU D 16 9.01 61.16 1.36
CA GLU D 16 8.65 62.15 2.39
C GLU D 16 9.37 61.90 3.71
N ALA D 17 9.33 60.65 4.18
CA ALA D 17 9.90 60.27 5.47
C ALA D 17 11.43 60.33 5.52
N ILE D 18 12.12 60.29 4.38
CA ILE D 18 13.58 60.29 4.40
C ILE D 18 14.16 61.32 3.42
N PRO D 19 14.44 62.51 3.95
CA PRO D 19 14.95 63.63 3.15
C PRO D 19 16.15 63.25 2.30
N GLY D 20 16.22 63.73 1.07
CA GLY D 20 17.29 63.41 0.16
C GLY D 20 17.06 62.16 -0.67
N MET D 21 16.25 61.23 -0.18
CA MET D 21 15.94 60.05 -0.97
C MET D 21 15.12 60.44 -2.19
N LEU D 22 15.34 59.75 -3.31
CA LEU D 22 14.53 59.91 -4.52
C LEU D 22 14.18 58.55 -5.10
N GLU D 23 12.97 58.43 -5.60
CA GLU D 23 12.52 57.23 -6.27
C GLU D 23 12.28 57.60 -7.73
N PHE D 24 12.83 56.82 -8.63
CA PHE D 24 12.68 57.07 -10.07
C PHE D 24 11.86 55.96 -10.76
N ASP D 25 11.03 56.39 -11.70
CA ASP D 25 10.45 55.52 -12.69
C ASP D 25 11.39 55.51 -13.90
N ILE D 26 11.81 54.32 -14.32
CA ILE D 26 12.77 54.18 -15.42
C ILE D 26 12.06 53.60 -16.63
N PRO D 27 12.18 54.25 -17.80
CA PRO D 27 11.67 53.69 -19.05
C PRO D 27 12.37 52.34 -19.45
N VAL D 28 11.60 51.28 -19.61
CA VAL D 28 12.11 49.97 -20.08
C VAL D 28 11.42 49.67 -21.40
N HIS D 29 12.22 49.48 -22.47
CA HIS D 29 11.72 49.25 -23.83
C HIS D 29 11.85 47.79 -24.19
N GLY D 30 10.71 47.13 -24.37
CA GLY D 30 10.65 45.72 -24.70
C GLY D 30 10.52 45.49 -26.17
N ASP D 31 11.21 44.46 -26.66
CA ASP D 31 10.97 43.97 -28.02
C ASP D 31 11.16 42.46 -28.08
N ASN D 32 11.35 41.94 -29.28
CA ASN D 32 11.44 40.50 -29.47
C ASN D 32 12.70 39.84 -28.87
N ARG D 33 13.69 40.65 -28.53
CA ARG D 33 14.96 40.17 -27.99
C ARG D 33 14.96 40.14 -26.46
N GLY D 34 14.08 40.94 -25.88
CA GLY D 34 14.01 41.13 -24.43
C GLY D 34 13.67 42.58 -24.13
N TRP D 35 14.57 43.28 -23.46
CA TRP D 35 14.39 44.70 -23.18
C TRP D 35 15.68 45.47 -22.98
N PHE D 36 15.53 46.80 -22.98
CA PHE D 36 16.63 47.73 -22.83
C PHE D 36 16.16 48.94 -21.97
N LYS D 37 17.05 49.42 -21.10
CA LYS D 37 16.81 50.65 -20.36
C LYS D 37 18.07 51.48 -20.22
N GLU D 38 17.86 52.79 -20.21
CA GLU D 38 18.86 53.71 -19.64
C GLU D 38 18.74 53.68 -18.12
N ASN D 39 19.51 52.82 -17.46
CA ASN D 39 19.42 52.67 -15.99
C ASN D 39 19.80 53.94 -15.26
N PHE D 40 20.83 54.63 -15.77
CA PHE D 40 21.22 55.93 -15.26
C PHE D 40 21.64 56.83 -16.43
N GLN D 41 21.25 58.09 -16.41
CA GLN D 41 21.58 59.00 -17.50
C GLN D 41 21.69 60.38 -16.86
N LYS D 42 22.92 60.86 -16.74
CA LYS D 42 23.21 62.06 -15.95
C LYS D 42 22.49 63.32 -16.44
N GLU D 43 22.53 63.57 -17.75
CA GLU D 43 21.91 64.74 -18.32
C GLU D 43 20.40 64.80 -18.09
N LYS D 44 19.76 63.64 -18.13
CA LYS D 44 18.31 63.53 -17.99
C LYS D 44 17.90 63.49 -16.52
N MET D 45 18.76 62.99 -15.63
CA MET D 45 18.37 62.79 -14.24
C MET D 45 18.71 63.96 -13.33
N LEU D 46 19.73 64.75 -13.67
CA LEU D 46 20.04 65.94 -12.88
C LEU D 46 18.83 66.91 -12.74
N PRO D 47 18.16 67.27 -13.85
CA PRO D 47 17.03 68.22 -13.75
C PRO D 47 15.87 67.66 -12.94
N LEU D 48 15.73 66.33 -12.85
CA LEU D 48 14.71 65.67 -12.05
C LEU D 48 15.06 65.62 -10.57
N GLY D 49 16.30 65.97 -10.23
CA GLY D 49 16.70 66.06 -8.83
C GLY D 49 17.86 65.19 -8.40
N PHE D 50 18.33 64.30 -9.28
CA PHE D 50 19.55 63.55 -8.98
C PHE D 50 20.65 64.55 -8.67
N PRO D 51 21.25 64.47 -7.48
CA PRO D 51 22.20 65.51 -7.06
C PRO D 51 23.54 65.52 -7.82
N GLU D 52 23.90 66.69 -8.36
CA GLU D 52 25.18 66.88 -9.02
C GLU D 52 26.32 66.68 -8.03
N SER D 53 26.07 66.95 -6.76
CA SER D 53 27.06 66.76 -5.69
C SER D 53 27.49 65.30 -5.52
N PHE D 54 26.71 64.36 -6.07
CA PHE D 54 27.14 62.96 -6.21
C PHE D 54 28.51 62.83 -6.87
N PHE D 55 28.76 63.68 -7.87
CA PHE D 55 30.01 63.67 -8.62
C PHE D 55 31.10 64.63 -8.11
N ALA D 56 30.89 65.28 -6.97
CA ALA D 56 31.75 66.34 -6.45
C ALA D 56 33.22 65.96 -6.33
N GLU D 57 33.47 64.73 -5.90
CA GLU D 57 34.82 64.29 -5.64
C GLU D 57 35.40 63.53 -6.81
N GLY D 58 34.61 63.30 -7.84
CA GLY D 58 35.08 62.56 -9.00
C GLY D 58 35.31 61.07 -8.70
N LYS D 59 34.65 60.54 -7.66
CA LYS D 59 34.76 59.11 -7.35
C LYS D 59 33.59 58.32 -7.95
N LEU D 60 33.86 57.12 -8.47
CA LEU D 60 32.82 56.28 -9.05
C LEU D 60 33.14 54.80 -8.89
N GLN D 61 32.13 54.05 -8.44
CA GLN D 61 32.21 52.60 -8.37
C GLN D 61 30.85 52.04 -8.68
N ASN D 62 30.81 50.94 -9.43
CA ASN D 62 29.58 50.20 -9.75
C ASN D 62 29.73 48.80 -9.19
N ASN D 63 28.90 48.49 -8.20
CA ASN D 63 28.83 47.15 -7.62
C ASN D 63 27.63 46.38 -8.16
N VAL D 64 27.78 45.06 -8.22
CA VAL D 64 26.71 44.18 -8.60
C VAL D 64 26.72 42.98 -7.68
N SER D 65 25.55 42.63 -7.17
CA SER D 65 25.36 41.37 -6.49
C SER D 65 24.29 40.53 -7.18
N PHE D 66 24.47 39.23 -7.10
CA PHE D 66 23.51 38.27 -7.61
C PHE D 66 23.04 37.42 -6.43
N SER D 67 21.73 37.32 -6.25
CA SER D 67 21.16 36.70 -5.05
C SER D 67 19.97 35.81 -5.39
N ARG D 68 19.76 34.77 -4.59
CA ARG D 68 18.58 33.90 -4.76
C ARG D 68 17.41 34.28 -3.88
N LYS D 69 16.25 33.70 -4.18
CA LYS D 69 15.03 33.90 -3.42
C LYS D 69 15.24 33.87 -1.90
N ASN D 70 14.65 34.85 -1.25
CA ASN D 70 14.63 35.02 0.20
C ASN D 70 15.96 35.55 0.79
N VAL D 71 17.02 35.64 -0.01
CA VAL D 71 18.23 36.33 0.46
C VAL D 71 17.86 37.72 0.93
N LEU D 72 18.44 38.16 2.04
CA LEU D 72 18.15 39.45 2.64
C LEU D 72 19.51 40.04 2.96
N ARG D 73 19.81 41.21 2.39
CA ARG D 73 21.10 41.84 2.58
C ARG D 73 20.80 43.15 3.18
N GLY D 74 21.37 43.41 4.31
CA GLY D 74 21.08 44.71 4.80
C GLY D 74 21.27 45.18 6.16
N LEU D 75 20.75 46.42 6.08
CA LEU D 75 20.88 47.67 6.72
C LEU D 75 22.29 48.18 6.88
N HIS D 76 22.75 48.75 5.76
CA HIS D 76 24.11 49.26 5.59
C HIS D 76 24.03 50.75 5.27
N ALA D 77 24.69 51.56 6.10
CA ALA D 77 24.66 53.02 6.06
C ALA D 77 26.11 53.56 6.05
N GLU D 78 26.88 53.11 5.05
CA GLU D 78 28.29 53.50 4.88
C GLU D 78 28.35 54.96 4.45
N PRO D 79 29.50 55.60 4.65
CA PRO D 79 29.66 57.04 4.32
C PRO D 79 29.78 57.33 2.80
N TRP D 80 28.81 56.88 2.03
CA TRP D 80 28.71 57.23 0.61
C TRP D 80 27.25 57.14 0.13
N ASP D 81 26.94 57.83 -0.94
CA ASP D 81 25.62 57.78 -1.56
C ASP D 81 25.51 56.55 -2.46
N LYS D 82 24.29 56.06 -2.67
CA LYS D 82 24.03 54.88 -3.49
C LYS D 82 22.88 55.16 -4.45
N TYR D 83 23.04 54.75 -5.71
CA TYR D 83 21.96 54.77 -6.68
C TYR D 83 21.70 53.33 -7.07
N ILE D 84 20.53 52.83 -6.65
CA ILE D 84 20.23 51.40 -6.69
C ILE D 84 19.20 51.02 -7.74
N SER D 85 19.41 49.88 -8.38
CA SER D 85 18.41 49.34 -9.29
C SER D 85 18.62 47.86 -9.52
N VAL D 86 17.75 47.28 -10.32
CA VAL D 86 17.80 45.87 -10.65
C VAL D 86 18.13 45.76 -12.12
N ALA D 87 19.03 44.83 -12.46
CA ALA D 87 19.62 44.75 -13.78
C ALA D 87 19.10 43.57 -14.59
N ASP D 88 18.29 42.70 -13.96
CA ASP D 88 17.69 41.57 -14.65
C ASP D 88 16.18 41.58 -14.49
N GLY D 89 15.52 40.44 -14.67
CA GLY D 89 14.08 40.35 -14.57
C GLY D 89 13.57 40.02 -13.18
N GLY D 90 14.44 40.15 -12.18
CA GLY D 90 14.06 39.87 -10.80
C GLY D 90 13.44 41.05 -10.09
N LYS D 91 13.11 40.86 -8.82
CA LYS D 91 12.57 41.92 -7.96
C LYS D 91 12.92 41.70 -6.52
N VAL D 92 13.04 42.82 -5.82
CA VAL D 92 13.37 42.82 -4.40
C VAL D 92 12.43 43.76 -3.66
N LEU D 93 12.24 43.49 -2.37
CA LEU D 93 11.65 44.44 -1.46
C LEU D 93 12.77 45.30 -0.92
N GLY D 94 12.82 46.56 -1.36
CA GLY D 94 13.83 47.52 -0.89
C GLY D 94 13.38 48.09 0.44
N THR D 95 14.32 48.31 1.36
CA THR D 95 14.04 48.75 2.71
C THR D 95 15.08 49.77 3.16
N TRP D 96 14.64 50.85 3.82
CA TRP D 96 15.53 51.95 4.24
C TRP D 96 15.20 52.43 5.65
N VAL D 97 16.23 52.70 6.44
CA VAL D 97 16.10 53.22 7.79
C VAL D 97 17.07 54.40 7.90
N ASP D 98 16.52 55.57 8.21
CA ASP D 98 17.31 56.79 8.35
C ASP D 98 18.08 56.73 9.66
N LEU D 99 19.40 56.79 9.58
CA LEU D 99 20.25 56.77 10.77
C LEU D 99 20.92 58.11 11.08
N ARG D 100 20.46 59.17 10.43
CA ARG D 100 21.03 60.49 10.61
C ARG D 100 20.49 61.18 11.85
N GLU D 101 21.38 61.86 12.56
CA GLU D 101 21.02 62.66 13.71
C GLU D 101 20.07 63.74 13.23
N GLY D 102 18.97 63.91 13.94
CA GLY D 102 17.99 64.93 13.60
C GLY D 102 16.59 64.38 13.79
N GLU D 103 15.64 65.07 13.17
CA GLU D 103 14.22 64.82 13.41
C GLU D 103 13.67 63.58 12.69
N THR D 104 14.47 63.01 11.78
CA THR D 104 14.06 61.81 11.05
C THR D 104 14.85 60.55 11.39
N PHE D 105 15.62 60.56 12.47
CA PHE D 105 16.28 59.33 12.94
C PHE D 105 15.25 58.21 13.20
N GLY D 106 15.48 57.05 12.58
CA GLY D 106 14.62 55.90 12.71
C GLY D 106 13.43 55.85 11.76
N ASN D 107 13.24 56.91 10.96
CA ASN D 107 12.22 56.90 9.92
C ASN D 107 12.53 55.83 8.87
N THR D 108 11.47 55.25 8.29
CA THR D 108 11.64 54.15 7.33
C THR D 108 10.86 54.37 6.04
N TYR D 109 11.23 53.60 5.03
CA TYR D 109 10.48 53.46 3.81
C TYR D 109 10.72 52.06 3.27
N GLN D 110 9.73 51.50 2.59
CA GLN D 110 9.91 50.28 1.81
C GLN D 110 9.14 50.36 0.51
N THR D 111 9.68 49.72 -0.52
CA THR D 111 9.01 49.57 -1.80
C THR D 111 9.61 48.44 -2.67
N VAL D 112 8.81 47.90 -3.57
CA VAL D 112 9.30 46.86 -4.46
C VAL D 112 10.05 47.50 -5.62
N ILE D 113 11.24 46.96 -5.90
CA ILE D 113 12.12 47.42 -6.97
C ILE D 113 12.25 46.28 -8.00
N ASP D 114 11.88 46.56 -9.24
CA ASP D 114 12.30 45.72 -10.36
C ASP D 114 13.09 46.62 -11.31
N ALA D 115 13.36 46.17 -12.53
CA ALA D 115 14.21 46.95 -13.43
C ALA D 115 13.63 48.31 -13.83
N SER D 116 12.33 48.51 -13.65
CA SER D 116 11.66 49.77 -14.01
C SER D 116 11.63 50.82 -12.88
N LYS D 117 12.36 50.58 -11.80
CA LYS D 117 12.45 51.52 -10.67
C LYS D 117 13.87 51.64 -10.14
N SER D 118 14.27 52.84 -9.76
CA SER D 118 15.57 52.99 -9.10
C SER D 118 15.40 53.92 -7.91
N ILE D 119 16.40 53.93 -7.02
CA ILE D 119 16.35 54.68 -5.77
C ILE D 119 17.68 55.36 -5.52
N PHE D 120 17.65 56.64 -5.22
CA PHE D 120 18.81 57.34 -4.69
C PHE D 120 18.79 57.37 -3.14
N VAL D 121 19.83 56.82 -2.52
CA VAL D 121 19.96 56.72 -1.07
C VAL D 121 21.08 57.61 -0.57
N PRO D 122 20.75 58.69 0.12
CA PRO D 122 21.80 59.57 0.65
C PRO D 122 22.61 58.90 1.75
N ARG D 123 23.87 59.25 1.88
CA ARG D 123 24.71 58.71 2.92
C ARG D 123 24.10 58.99 4.30
N GLY D 124 24.17 57.97 5.14
CA GLY D 124 23.57 57.98 6.46
C GLY D 124 22.22 57.32 6.52
N VAL D 125 21.66 56.96 5.37
CA VAL D 125 20.42 56.18 5.31
C VAL D 125 20.78 54.72 5.03
N ALA D 126 20.41 53.85 5.95
CA ALA D 126 20.70 52.43 5.85
C ALA D 126 19.90 51.78 4.72
N ASN D 127 20.61 50.99 3.91
CA ASN D 127 20.04 50.33 2.73
C ASN D 127 19.95 48.83 2.92
N GLY D 128 18.87 48.24 2.42
CA GLY D 128 18.73 46.80 2.45
C GLY D 128 17.71 46.31 1.45
N PHE D 129 17.67 45.00 1.22
CA PHE D 129 16.67 44.39 0.37
C PHE D 129 16.49 42.89 0.68
N GLN D 130 15.33 42.39 0.32
CA GLN D 130 15.07 40.96 0.34
C GLN D 130 14.59 40.53 -1.05
N VAL D 131 15.10 39.39 -1.50
CA VAL D 131 14.83 38.91 -2.85
C VAL D 131 13.47 38.20 -2.95
N LEU D 132 12.60 38.69 -3.86
CA LEU D 132 11.23 38.16 -4.07
C LEU D 132 11.08 37.14 -5.22
N SER D 133 11.97 37.24 -6.18
CA SER D 133 12.03 36.34 -7.35
C SER D 133 12.99 35.19 -7.08
N ASP D 134 13.09 34.27 -8.02
CA ASP D 134 14.02 33.14 -7.91
C ASP D 134 15.48 33.61 -7.75
N PHE D 135 15.85 34.58 -8.59
CA PHE D 135 17.14 35.27 -8.52
C PHE D 135 16.97 36.76 -8.86
N VAL D 136 17.98 37.56 -8.50
CA VAL D 136 18.02 38.95 -8.89
C VAL D 136 19.45 39.46 -8.99
N ALA D 137 19.65 40.32 -9.99
CA ALA D 137 20.85 41.05 -10.21
C ALA D 137 20.60 42.46 -9.71
N TYR D 138 21.39 42.86 -8.72
CA TYR D 138 21.23 44.13 -8.02
C TYR D 138 22.46 44.94 -8.32
N SER D 139 22.27 46.04 -9.03
CA SER D 139 23.38 46.84 -9.53
C SER D 139 23.24 48.26 -9.05
N TYR D 140 24.30 48.78 -8.44
CA TYR D 140 24.26 50.12 -7.93
C TYR D 140 25.57 50.92 -8.10
N LEU D 141 25.42 52.23 -8.10
CA LEU D 141 26.54 53.18 -8.25
C LEU D 141 26.75 53.87 -6.92
N VAL D 142 28.02 54.08 -6.56
CA VAL D 142 28.41 54.75 -5.34
C VAL D 142 29.54 55.77 -5.62
N ASN D 143 29.75 56.67 -4.68
CA ASN D 143 30.69 57.78 -4.85
C ASN D 143 31.77 57.87 -3.76
N ASP D 144 32.02 56.76 -3.08
CA ASP D 144 33.29 56.63 -2.39
C ASP D 144 33.64 55.16 -2.32
N TYR D 145 34.82 54.88 -1.83
CA TYR D 145 35.42 53.56 -1.99
C TYR D 145 35.56 52.81 -0.68
N TRP D 146 34.85 51.69 -0.65
CA TRP D 146 34.93 50.69 0.38
C TRP D 146 36.34 50.18 0.59
N ALA D 147 36.69 50.03 1.85
CA ALA D 147 37.97 49.40 2.22
C ALA D 147 37.78 48.51 3.41
N LEU D 148 38.49 47.40 3.42
CA LEU D 148 38.42 46.47 4.53
C LEU D 148 38.91 47.11 5.81
N GLU D 149 40.03 47.83 5.68
CA GLU D 149 40.67 48.49 6.81
C GLU D 149 39.71 49.49 7.49
N LEU D 150 38.73 50.02 6.76
CA LEU D 150 37.82 51.04 7.30
C LEU D 150 36.47 50.52 7.76
N LYS D 151 36.14 49.26 7.45
CA LYS D 151 34.81 48.72 7.78
C LYS D 151 34.32 48.85 9.25
N PRO D 152 35.19 48.72 10.27
CA PRO D 152 34.73 48.93 11.66
C PRO D 152 34.12 50.31 11.93
N LYS D 153 34.44 51.29 11.10
CA LYS D 153 33.95 52.65 11.21
C LYS D 153 32.57 52.84 10.58
N TYR D 154 32.18 51.94 9.67
CA TYR D 154 30.94 52.10 8.92
C TYR D 154 29.71 51.84 9.80
N ALA D 155 28.63 52.57 9.56
CA ALA D 155 27.38 52.37 10.27
C ALA D 155 26.51 51.26 9.65
N PHE D 156 25.94 50.43 10.54
CA PHE D 156 25.05 49.29 10.21
C PHE D 156 23.95 49.15 11.29
N VAL D 157 22.79 48.60 10.90
CA VAL D 157 21.74 48.26 11.86
C VAL D 157 21.13 46.88 11.52
N ASN D 158 20.70 46.14 12.54
CA ASN D 158 20.29 44.76 12.36
C ASN D 158 18.93 44.62 11.66
N TYR D 159 18.93 43.91 10.53
CA TYR D 159 17.71 43.64 9.74
C TYR D 159 16.55 43.06 10.57
N ALA D 160 16.88 42.30 11.60
CA ALA D 160 15.88 41.58 12.38
C ALA D 160 15.42 42.30 13.66
N ASP D 161 15.90 43.51 13.91
CA ASP D 161 15.47 44.26 15.09
C ASP D 161 13.98 44.61 14.94
N PRO D 162 13.09 44.06 15.78
CA PRO D 162 11.65 44.31 15.63
C PRO D 162 11.24 45.74 16.01
N SER D 163 12.13 46.49 16.63
CA SER D 163 11.84 47.89 16.94
C SER D 163 11.95 48.80 15.71
N LEU D 164 12.55 48.30 14.61
CA LEU D 164 12.51 49.00 13.32
C LEU D 164 11.10 48.98 12.73
N ASP D 165 10.66 50.13 12.21
CA ASP D 165 9.34 50.27 11.60
C ASP D 165 9.35 49.70 10.19
N ILE D 166 9.61 48.40 10.09
CA ILE D 166 9.65 47.72 8.80
C ILE D 166 9.01 46.33 8.89
N LYS D 167 8.67 45.80 7.73
CA LYS D 167 8.17 44.44 7.62
C LYS D 167 8.82 43.80 6.41
N TRP D 168 9.62 42.77 6.64
CA TRP D 168 10.23 42.02 5.54
C TRP D 168 9.18 41.09 4.95
N GLU D 169 9.43 40.60 3.74
CA GLU D 169 8.51 39.70 3.05
C GLU D 169 8.44 38.35 3.77
N ASN D 170 9.60 37.85 4.17
CA ASN D 170 9.68 36.56 4.81
C ASN D 170 10.88 36.57 5.74
N LEU D 171 10.67 37.01 6.98
CA LEU D 171 11.77 37.19 7.90
C LEU D 171 12.26 35.82 8.42
N GLU D 172 11.32 34.93 8.70
CA GLU D 172 11.65 33.61 9.26
C GLU D 172 12.51 32.74 8.31
N GLU D 173 12.36 32.94 7.02
CA GLU D 173 13.09 32.17 6.02
C GLU D 173 14.13 32.99 5.27
N ALA D 174 14.46 34.15 5.83
CA ALA D 174 15.48 35.02 5.25
C ALA D 174 16.85 34.35 5.34
N GLU D 175 17.64 34.45 4.28
CA GLU D 175 18.99 33.93 4.27
C GLU D 175 19.93 35.12 4.27
N VAL D 176 20.72 35.23 5.33
CA VAL D 176 21.62 36.35 5.50
C VAL D 176 23.07 35.93 5.72
N SER D 177 23.98 36.89 5.55
CA SER D 177 25.39 36.70 5.88
C SER D 177 25.61 36.75 7.37
N GLU D 178 26.70 36.13 7.78
CA GLU D 178 27.08 36.16 9.19
C GLU D 178 27.27 37.61 9.64
N ALA D 179 27.83 38.47 8.79
CA ALA D 179 28.04 39.89 9.14
C ALA D 179 26.70 40.57 9.40
N ASP D 180 25.72 40.29 8.54
CA ASP D 180 24.41 40.91 8.67
C ASP D 180 23.67 40.38 9.91
N GLU D 181 23.97 39.14 10.27
CA GLU D 181 23.35 38.55 11.42
C GLU D 181 23.73 39.27 12.72
N ASN D 182 24.91 39.89 12.73
CA ASN D 182 25.48 40.40 13.97
C ASN D 182 25.66 41.91 14.03
N HIS D 183 25.02 42.65 13.13
CA HIS D 183 24.98 44.11 13.24
C HIS D 183 24.19 44.56 14.50
N PRO D 184 24.56 45.71 15.06
CA PRO D 184 23.89 46.22 16.26
C PRO D 184 22.41 46.53 16.05
N PHE D 185 21.59 46.33 17.09
CA PHE D 185 20.21 46.81 17.08
C PHE D 185 20.20 48.34 17.15
N LEU D 186 19.06 48.93 16.79
CA LEU D 186 18.89 50.38 16.71
C LEU D 186 19.27 51.11 17.98
N LYS D 187 18.93 50.48 19.10
CA LYS D 187 19.19 51.07 20.40
C LYS D 187 20.68 51.40 20.59
N ASP D 188 21.54 50.59 19.99
CA ASP D 188 22.98 50.72 20.11
C ASP D 188 23.64 51.50 18.96
N VAL D 189 22.85 52.05 18.04
CA VAL D 189 23.39 52.87 16.95
C VAL D 189 23.28 54.35 17.33
N LYS D 190 24.42 55.04 17.40
CA LYS D 190 24.45 56.48 17.60
C LYS D 190 24.07 57.20 16.31
N PRO D 191 23.16 58.14 16.39
CA PRO D 191 22.77 58.93 15.22
C PRO D 191 23.99 59.53 14.51
N LEU D 192 23.97 59.50 13.19
CA LEU D 192 25.11 59.88 12.39
C LEU D 192 25.13 61.38 12.16
N ARG D 193 26.20 62.02 12.61
CA ARG D 193 26.41 63.45 12.41
C ARG D 193 27.05 63.67 11.05
N LYS D 194 26.97 64.90 10.55
CA LYS D 194 27.54 65.22 9.23
C LYS D 194 29.03 64.89 9.17
N GLU D 195 29.75 65.09 10.27
CA GLU D 195 31.19 64.85 10.29
C GLU D 195 31.55 63.35 10.34
N ASP D 196 30.56 62.48 10.58
CA ASP D 196 30.76 61.03 10.55
C ASP D 196 30.63 60.47 9.12
N LEU D 197 30.14 61.31 8.21
CA LEU D 197 29.88 60.90 6.84
C LEU D 197 30.92 61.47 5.91
O4 TDX E . -37.06 -51.42 19.43
C4 TDX E . -37.87 -50.51 19.21
N3 TDX E . -38.56 -50.45 18.06
C2 TDX E . -39.44 -49.46 17.81
O2 TDX E . -40.03 -49.45 16.68
C5 TDX E . -38.16 -49.47 20.23
C5M TDX E . -37.49 -49.45 21.56
C6 TDX E . -39.08 -48.49 19.92
N1 TDX E . -39.72 -48.51 18.74
C1B TDX E . -40.63 -47.40 18.44
C2B TDX E . -41.75 -47.11 19.42
C3B TDX E . -41.86 -45.60 19.31
O3B TDX E . -42.70 -45.22 18.22
O4B TDX E . -39.78 -46.23 18.45
C4B TDX E . -40.47 -45.10 19.01
C5B TDX E . -39.80 -44.54 20.27
O5B TDX E . -39.87 -45.55 21.31
PA TDX E . -39.47 -45.18 22.80
O1A TDX E . -39.83 -46.36 23.64
O2A TDX E . -40.07 -43.80 23.10
O3A TDX E . -37.87 -45.06 22.68
PB TDX E . -36.79 -44.22 23.52
O1B TDX E . -37.39 -43.47 24.69
O2B TDX E . -35.95 -43.56 22.47
O1' TDX E . -35.88 -45.42 24.13
C1' TDX E . -35.14 -46.31 23.29
O5' TDX E . -33.77 -45.92 23.21
C5' TDX E . -33.11 -45.89 24.49
C2' TDX E . -35.26 -47.73 23.85
O2' TDX E . -36.66 -48.02 24.15
C3' TDX E . -34.46 -47.89 25.13
O3' TDX E . -34.34 -49.29 25.43
C4' TDX E . -33.06 -47.31 25.06
O4' TDX E . -32.55 -47.34 26.41
NI NI F . -33.54 -71.32 4.64
O4 TDX G . -12.43 -51.24 8.62
C4 TDX G . -11.69 -50.23 8.64
N3 TDX G . -11.01 -49.92 9.74
C2 TDX G . -10.24 -48.81 9.83
O2 TDX G . -9.65 -48.60 10.91
C5 TDX G . -11.55 -49.32 7.47
C5M TDX G . -12.29 -49.62 6.19
C6 TDX G . -10.73 -48.19 7.60
N1 TDX G . -10.07 -47.96 8.76
C1B TDX G . -9.24 -46.75 8.90
C2B TDX G . -8.15 -46.52 7.86
C3B TDX G . -8.01 -45.01 7.86
O3B TDX G . -7.03 -44.57 8.81
O4B TDX G . -10.09 -45.59 8.80
C4B TDX G . -9.37 -44.46 8.29
C5B TDX G . -10.10 -43.78 7.13
O5B TDX G . -10.30 -44.72 6.08
PA TDX G . -9.89 -44.43 4.54
O1A TDX G . -8.92 -45.52 4.12
O2A TDX G . -9.51 -42.98 4.32
O3A TDX G . -11.30 -44.71 3.80
PB TDX G . -12.64 -43.77 3.84
O1B TDX G . -12.55 -42.81 2.68
O2B TDX G . -12.90 -43.23 5.23
O1' TDX G . -13.75 -44.88 3.42
C1' TDX G . -14.38 -45.73 4.36
O5' TDX G . -15.65 -45.15 4.72
C5' TDX G . -16.60 -45.08 3.66
C2' TDX G . -14.57 -47.15 3.80
O2' TDX G . -13.33 -47.71 3.35
C3' TDX G . -15.58 -47.15 2.66
O3' TDX G . -15.57 -48.54 2.21
C4' TDX G . -16.86 -46.49 3.11
O4' TDX G . -17.71 -46.40 1.98
NI NI H . 45.97 55.94 -17.43
O4 TDX I . 20.95 54.97 -25.20
C4 TDX I . 19.87 54.45 -25.57
N3 TDX I . 18.69 54.91 -25.13
C2 TDX I . 17.51 54.37 -25.52
O2 TDX I . 16.45 54.87 -25.02
C5 TDX I . 19.86 53.35 -26.54
C5M TDX I . 21.11 52.77 -27.11
C6 TDX I . 18.60 52.85 -26.89
N1 TDX I . 17.47 53.36 -26.39
C1B TDX I . 16.20 52.70 -26.79
C2B TDX I . 15.84 52.66 -28.27
C3B TDX I . 15.22 51.28 -28.42
O3B TDX I . 13.84 51.39 -28.06
O4B TDX I . 16.37 51.32 -26.39
C4B TDX I . 15.84 50.40 -27.36
C5B TDX I . 16.88 49.46 -27.93
O5B TDX I . 17.77 50.16 -28.82
PA TDX I . 18.68 49.39 -29.88
O1A TDX I . 19.37 50.48 -30.68
O2A TDX I . 17.96 48.30 -30.63
O3A TDX I . 19.71 48.78 -28.80
PB TDX I . 20.67 47.48 -28.88
O1B TDX I . 20.59 46.81 -30.22
O2B TDX I . 20.42 46.77 -27.55
O1' TDX I . 22.11 48.19 -28.81
C1' TDX I . 22.54 48.83 -27.60
O5' TDX I . 23.34 47.97 -26.77
C5' TDX I . 24.49 47.45 -27.47
C2' TDX I . 23.35 50.05 -28.00
O2' TDX I . 22.67 50.83 -29.01
C3' TDX I . 24.72 49.70 -28.58
O3' TDX I . 25.52 50.89 -28.59
C4' TDX I . 25.45 48.62 -27.80
O4' TDX I . 26.61 48.20 -28.54
O4 TDX J . 32.60 47.60 -2.09
C4 TDX J . 32.78 46.38 -1.77
N3 TDX J . 33.80 45.68 -2.25
C2 TDX J . 34.03 44.38 -1.94
O2 TDX J . 35.03 43.80 -2.45
C5 TDX J . 31.87 45.69 -0.84
C5M TDX J . 30.66 46.38 -0.25
C6 TDX J . 32.14 44.36 -0.56
N1 TDX J . 33.20 43.73 -1.10
C1B TDX J . 33.41 42.30 -0.84
C2B TDX J . 33.53 41.79 0.59
C3B TDX J . 32.82 40.45 0.52
O3B TDX J . 33.75 39.39 0.17
O4B TDX J . 32.23 41.70 -1.41
C4B TDX J . 31.79 40.58 -0.59
C5B TDX J . 30.38 40.80 -0.01
O5B TDX J . 30.36 41.88 0.92
PA TDX J . 29.10 42.16 1.90
O1A TDX J . 29.57 43.24 2.81
O2A TDX J . 28.60 40.85 2.46
O3A TDX J . 28.04 42.75 0.82
PB TDX J . 26.42 42.80 0.85
O1B TDX J . 25.88 42.21 2.15
O2B TDX J . 25.95 42.31 -0.47
O1' TDX J . 26.12 44.39 0.91
C1' TDX J . 26.56 45.24 -0.16
O5' TDX J . 25.46 45.54 -1.03
C5' TDX J . 24.38 46.23 -0.37
C2' TDX J . 27.17 46.53 0.39
O2' TDX J . 28.13 46.27 1.45
C3' TDX J . 26.13 47.48 0.98
O3' TDX J . 26.71 48.81 1.13
C4' TDX J . 24.86 47.58 0.14
O4' TDX J . 23.84 48.23 0.90
#